data_8K4U
#
_entry.id   8K4U
#
_cell.length_a   1.00
_cell.length_b   1.00
_cell.length_c   1.00
_cell.angle_alpha   90.00
_cell.angle_beta   90.00
_cell.angle_gamma   90.00
#
_symmetry.space_group_name_H-M   'P 1'
#
loop_
_entity.id
_entity.type
_entity.pdbx_description
1 polymer BtKY72
2 polymer ACE2
3 non-polymer 'ZINC ION'
#
loop_
_entity_poly.entity_id
_entity_poly.type
_entity_poly.pdbx_seq_one_letter_code
_entity_poly.pdbx_strand_id
1 'polypeptide(L)'
;RVSPSTEVVRFPNITNLCPFGQVFNASNFPSVYAWERLRISDCVADYAVLYNSSSSFSTFKCYGVSPTKLNDLCFSSVYA
DYFVVKGDDVRQIAPAQTGVIADYNYKLPDDFTGCVLAWNTNSVDSKSGNNFYYRLFRHGKIKPYERDISNVLYNSAGGT
CSSISQLGCYEPLKSYGFTPTVGVGYQPYRVVVLSFELLNAPATVCGPKKSTELVKNKCVNFHHHHHH
;
A
2 'polypeptide(L)'
;STPEDLAKTFLDDFNSAAENLSYQSSLASWEYNTNISDENIQKMDEAGAKWSDFYETQSKHAKNFSLEEIHNDTVKLQLQ
ILQQSGSPVLSEDKSKRLNSILNAMSTIYSTGKVCRPNNPQECLLLEPGLDNIMGTSKDYNERLWAWEGWRAEVGKQLRP
LYEEYVVLKNEMARGYHYEDYGDYWRRDYETEGSPDLEYSRDQLTKDVERIFAEIKPLYEQLHAYVRAKLMDTYPFHISP
TGCLPAHLLGDMWGRFWTNLYPLTVPFGQKPNIDVTDAMLNQTWDAKRIFKEAEKFFVSIGLPHMTEGFWNNSMLTDPGD
GRKVVCHPTAWDLGKGDFRIKMCTKVTMEDFLTAHHEMGHIQYDMAYASQPYLLRNGANEGFHEAVGEVMSLSVATPKHL
KTMGLLSPDFLEDNETEINFLFKQALTIVGTLPFTYMLEKWRWMVFKGEIPKEEWMTKWWEMKRKIVGVVEPVPHDETYC
DPASLFHVANDYSFIRYYTRTIFEFQFHEALCRIAKHDGPLHKCDISNSTDAGKKLHQMLSVGKSQPWTSVLKDFVDSKD
MDVGPLLRYFEPLYTWLKEQNRNSFVGWNTDWSPHAD
;
B
#
loop_
_chem_comp.id
_chem_comp.type
_chem_comp.name
_chem_comp.formula
ZN non-polymer 'ZINC ION' 'Zn 2'
#
# COMPACT_ATOMS: atom_id res chain seq x y z
N ASN A 16 36.22 -36.24 29.70
CA ASN A 16 35.39 -36.12 28.50
C ASN A 16 35.44 -34.70 27.93
N LEU A 17 34.63 -34.46 26.91
CA LEU A 17 34.57 -33.15 26.27
C LEU A 17 33.49 -32.31 26.94
N CYS A 18 33.16 -31.17 26.35
CA CYS A 18 32.15 -30.27 26.89
C CYS A 18 30.80 -30.57 26.27
N PRO A 19 29.73 -30.68 27.06
CA PRO A 19 28.42 -31.03 26.49
C PRO A 19 27.70 -29.84 25.84
N PHE A 20 28.30 -29.30 24.79
CA PHE A 20 27.64 -28.25 24.00
C PHE A 20 26.72 -28.81 22.94
N GLY A 21 26.72 -30.13 22.74
CA GLY A 21 25.75 -30.74 21.82
C GLY A 21 24.34 -30.64 22.35
N GLN A 22 24.16 -30.74 23.66
CA GLN A 22 22.85 -30.58 24.27
C GLN A 22 22.43 -29.13 24.39
N VAL A 23 23.34 -28.19 24.17
CA VAL A 23 23.01 -26.77 24.26
C VAL A 23 22.80 -26.18 22.87
N PHE A 24 23.83 -26.25 22.02
CA PHE A 24 23.76 -25.65 20.69
C PHE A 24 22.90 -26.47 19.75
N ASN A 25 22.91 -27.80 19.87
CA ASN A 25 22.21 -28.68 18.94
C ASN A 25 21.09 -29.45 19.66
N ALA A 26 20.35 -28.77 20.52
CA ALA A 26 19.25 -29.41 21.22
C ALA A 26 18.06 -29.63 20.28
N SER A 27 17.23 -30.60 20.63
CA SER A 27 16.07 -30.92 19.79
C SER A 27 14.99 -29.86 19.92
N ASN A 28 14.69 -29.41 21.14
CA ASN A 28 13.63 -28.44 21.37
C ASN A 28 14.15 -27.37 22.32
N PHE A 29 14.04 -26.11 21.91
CA PHE A 29 14.33 -24.93 22.70
C PHE A 29 13.06 -24.38 23.35
N PRO A 30 13.15 -23.82 24.56
CA PRO A 30 11.96 -23.27 25.20
C PRO A 30 11.62 -21.87 24.71
N SER A 31 10.62 -21.24 25.32
CA SER A 31 10.26 -19.87 24.98
C SER A 31 11.13 -18.90 25.76
N VAL A 32 10.82 -17.60 25.68
CA VAL A 32 11.67 -16.58 26.29
C VAL A 32 11.58 -16.60 27.80
N TYR A 33 10.36 -16.69 28.34
CA TYR A 33 10.19 -16.56 29.79
C TYR A 33 10.63 -17.82 30.53
N ALA A 34 10.32 -18.99 30.00
CA ALA A 34 10.67 -20.26 30.64
C ALA A 34 11.98 -20.81 30.08
N TRP A 35 13.03 -20.00 30.08
CA TRP A 35 14.30 -20.45 29.54
C TRP A 35 14.97 -21.44 30.49
N GLU A 36 15.70 -22.38 29.92
CA GLU A 36 16.29 -23.48 30.67
C GLU A 36 17.77 -23.20 30.94
N ARG A 37 18.17 -23.39 32.18
CA ARG A 37 19.54 -23.13 32.63
C ARG A 37 20.31 -24.43 32.75
N LEU A 38 21.50 -24.48 32.14
CA LEU A 38 22.39 -25.63 32.25
C LEU A 38 23.70 -25.16 32.85
N ARG A 39 24.09 -25.77 33.97
CA ARG A 39 25.33 -25.44 34.65
C ARG A 39 26.42 -26.39 34.15
N ILE A 40 27.43 -25.82 33.49
CA ILE A 40 28.52 -26.60 32.90
C ILE A 40 29.81 -26.23 33.62
N SER A 41 30.52 -27.24 34.11
CA SER A 41 31.79 -27.02 34.79
C SER A 41 32.67 -28.25 34.58
N ASP A 42 33.99 -28.01 34.66
CA ASP A 42 35.06 -29.01 34.47
C ASP A 42 34.93 -29.69 33.11
N CYS A 43 35.09 -28.89 32.07
CA CYS A 43 34.97 -29.36 30.71
C CYS A 43 36.05 -28.75 29.84
N VAL A 44 36.30 -29.37 28.69
CA VAL A 44 37.18 -28.85 27.66
C VAL A 44 36.38 -28.74 26.37
N ALA A 45 36.44 -27.57 25.74
CA ALA A 45 35.64 -27.29 24.56
C ALA A 45 36.55 -26.82 23.43
N ASP A 46 36.11 -27.08 22.21
CA ASP A 46 36.81 -26.66 21.00
C ASP A 46 36.18 -25.35 20.52
N TYR A 47 36.72 -24.23 21.01
CA TYR A 47 36.25 -22.92 20.58
C TYR A 47 36.81 -22.49 19.25
N ALA A 48 37.75 -23.25 18.68
CA ALA A 48 38.30 -22.89 17.37
C ALA A 48 37.28 -23.10 16.26
N VAL A 49 36.54 -24.20 16.30
CA VAL A 49 35.51 -24.44 15.30
C VAL A 49 34.29 -23.58 15.53
N LEU A 50 34.07 -23.12 16.77
CA LEU A 50 32.99 -22.19 17.06
C LEU A 50 33.36 -20.74 16.74
N TYR A 51 34.64 -20.46 16.56
CA TYR A 51 35.07 -19.10 16.22
C TYR A 51 34.81 -18.78 14.75
N ASN A 52 34.93 -19.76 13.86
CA ASN A 52 34.72 -19.57 12.43
C ASN A 52 33.42 -20.21 11.96
N SER A 53 32.41 -20.23 12.82
CA SER A 53 31.09 -20.76 12.50
C SER A 53 30.10 -19.65 12.15
N SER A 54 30.59 -18.60 11.49
CA SER A 54 29.78 -17.43 11.15
C SER A 54 28.87 -17.66 9.95
N SER A 55 29.00 -18.81 9.27
CA SER A 55 28.10 -19.11 8.16
C SER A 55 26.68 -19.41 8.65
N SER A 56 26.55 -19.90 9.88
CA SER A 56 25.25 -20.18 10.47
C SER A 56 24.84 -19.19 11.55
N PHE A 57 25.78 -18.75 12.39
CA PHE A 57 25.45 -17.90 13.52
C PHE A 57 25.30 -16.45 13.05
N SER A 58 24.10 -15.90 13.17
CA SER A 58 23.85 -14.53 12.73
C SER A 58 24.43 -13.51 13.71
N THR A 59 24.54 -13.87 14.99
CA THR A 59 25.04 -12.97 16.01
C THR A 59 26.04 -13.71 16.89
N PHE A 60 27.25 -13.17 16.98
CA PHE A 60 28.30 -13.69 17.85
C PHE A 60 28.97 -12.55 18.62
N LYS A 61 28.14 -11.69 19.20
CA LYS A 61 28.65 -10.59 19.99
C LYS A 61 29.16 -11.09 21.33
N CYS A 62 30.29 -10.53 21.78
CA CYS A 62 30.91 -10.93 23.03
C CYS A 62 31.13 -9.71 23.90
N TYR A 63 31.09 -9.93 25.22
CA TYR A 63 31.28 -8.86 26.19
C TYR A 63 32.25 -9.33 27.26
N GLY A 64 33.17 -8.45 27.64
CA GLY A 64 34.14 -8.73 28.69
C GLY A 64 35.43 -9.38 28.23
N VAL A 65 35.33 -10.40 27.37
CA VAL A 65 36.49 -11.14 26.90
C VAL A 65 36.45 -11.20 25.38
N SER A 66 37.63 -11.39 24.78
CA SER A 66 37.77 -11.57 23.35
C SER A 66 37.19 -12.91 22.91
N PRO A 67 36.61 -12.97 21.69
CA PRO A 67 36.07 -14.25 21.22
C PRO A 67 37.11 -15.35 21.04
N THR A 68 38.35 -14.99 20.69
CA THR A 68 39.38 -15.98 20.45
C THR A 68 40.29 -16.20 21.66
N LYS A 69 40.17 -15.40 22.71
CA LYS A 69 41.07 -15.51 23.85
C LYS A 69 40.48 -16.33 25.00
N LEU A 70 39.18 -16.61 24.96
CA LEU A 70 38.54 -17.35 26.04
C LEU A 70 38.90 -18.83 26.06
N ASN A 71 39.47 -19.35 24.97
CA ASN A 71 39.89 -20.75 24.93
C ASN A 71 41.07 -20.99 25.86
N ASP A 72 41.99 -20.04 25.93
CA ASP A 72 43.14 -20.18 26.82
C ASP A 72 42.76 -20.00 28.28
N LEU A 73 41.78 -19.14 28.56
CA LEU A 73 41.35 -18.90 29.93
C LEU A 73 40.48 -20.05 30.42
N CYS A 74 40.67 -20.42 31.69
CA CYS A 74 39.93 -21.51 32.31
C CYS A 74 38.79 -20.92 33.13
N PHE A 75 37.57 -21.30 32.79
CA PHE A 75 36.36 -20.83 33.46
C PHE A 75 35.70 -21.97 34.23
N SER A 76 35.13 -21.62 35.37
CA SER A 76 34.44 -22.58 36.24
C SER A 76 32.98 -22.18 36.36
N SER A 77 32.09 -23.17 36.34
CA SER A 77 30.63 -23.02 36.43
C SER A 77 30.09 -22.10 35.33
N VAL A 78 30.28 -22.54 34.09
CA VAL A 78 29.79 -21.81 32.94
C VAL A 78 28.31 -22.10 32.76
N TYR A 79 27.49 -21.04 32.73
CA TYR A 79 26.06 -21.17 32.56
C TYR A 79 25.68 -20.96 31.10
N ALA A 80 24.55 -21.54 30.71
CA ALA A 80 24.04 -21.43 29.36
C ALA A 80 22.53 -21.27 29.41
N ASP A 81 22.05 -20.09 29.02
CA ASP A 81 20.62 -19.78 29.02
C ASP A 81 20.17 -19.73 27.57
N TYR A 82 19.41 -20.73 27.14
CA TYR A 82 19.03 -20.89 25.75
C TYR A 82 17.52 -20.74 25.59
N PHE A 83 17.09 -19.97 24.59
CA PHE A 83 15.69 -19.67 24.35
C PHE A 83 15.53 -19.23 22.90
N VAL A 84 14.28 -18.94 22.53
CA VAL A 84 13.94 -18.53 21.17
C VAL A 84 13.21 -17.19 21.25
N VAL A 85 13.77 -16.17 20.61
CA VAL A 85 13.11 -14.88 20.46
C VAL A 85 12.93 -14.61 18.97
N LYS A 86 12.29 -13.48 18.66
CA LYS A 86 12.15 -13.09 17.27
C LYS A 86 13.44 -12.42 16.78
N GLY A 87 13.45 -12.04 15.50
CA GLY A 87 14.68 -11.61 14.86
C GLY A 87 15.25 -10.30 15.38
N ASP A 88 14.39 -9.34 15.72
CA ASP A 88 14.86 -8.06 16.22
C ASP A 88 14.83 -7.98 17.74
N ASP A 89 14.56 -9.11 18.41
CA ASP A 89 14.66 -9.19 19.86
C ASP A 89 16.00 -9.73 20.32
N VAL A 90 16.92 -10.01 19.40
CA VAL A 90 18.28 -10.40 19.77
C VAL A 90 19.12 -9.21 20.21
N ARG A 91 18.64 -7.99 19.97
CA ARG A 91 19.35 -6.81 20.44
C ARG A 91 19.19 -6.61 21.93
N GLN A 92 18.16 -7.24 22.53
CA GLN A 92 17.84 -7.05 23.93
C GLN A 92 18.47 -8.11 24.82
N ILE A 93 19.48 -8.82 24.33
CA ILE A 93 20.21 -9.80 25.11
C ILE A 93 21.60 -9.24 25.36
N ALA A 94 21.70 -7.92 25.40
CA ALA A 94 22.92 -7.18 25.64
C ALA A 94 22.90 -6.53 27.03
N PRO A 95 24.07 -6.32 27.64
CA PRO A 95 24.10 -5.58 28.90
C PRO A 95 23.67 -4.13 28.72
N ALA A 96 23.03 -3.59 29.77
CA ALA A 96 22.50 -2.22 29.83
C ALA A 96 21.56 -1.91 28.67
N GLN A 97 20.71 -2.87 28.31
CA GLN A 97 19.77 -2.71 27.22
C GLN A 97 18.34 -2.68 27.76
N THR A 98 17.52 -1.80 27.19
CA THR A 98 16.14 -1.63 27.60
C THR A 98 15.21 -2.10 26.49
N GLY A 99 14.05 -2.62 26.88
CA GLY A 99 13.08 -3.11 25.92
C GLY A 99 12.02 -3.95 26.63
N VAL A 100 11.30 -4.73 25.82
CA VAL A 100 10.25 -5.58 26.37
C VAL A 100 10.87 -6.79 27.06
N ILE A 101 11.62 -7.60 26.32
CA ILE A 101 12.18 -8.83 26.88
C ILE A 101 13.45 -8.59 27.67
N ALA A 102 14.02 -7.39 27.60
CA ALA A 102 15.17 -7.04 28.42
C ALA A 102 14.79 -6.61 29.82
N ASP A 103 13.50 -6.39 30.08
CA ASP A 103 13.03 -6.01 31.41
C ASP A 103 11.94 -6.92 31.96
N TYR A 104 11.20 -7.64 31.11
CA TYR A 104 10.12 -8.50 31.58
C TYR A 104 10.41 -9.98 31.40
N ASN A 105 11.33 -10.36 30.52
CA ASN A 105 11.59 -11.76 30.22
C ASN A 105 12.98 -12.21 30.63
N TYR A 106 14.03 -11.53 30.20
CA TYR A 106 15.40 -11.99 30.44
C TYR A 106 16.32 -10.78 30.50
N LYS A 107 16.84 -10.49 31.68
CA LYS A 107 17.72 -9.35 31.92
C LYS A 107 19.11 -9.83 32.30
N LEU A 108 20.12 -9.29 31.63
CA LEU A 108 21.54 -9.53 31.87
C LEU A 108 22.14 -8.33 32.61
N PRO A 109 23.07 -8.54 33.53
CA PRO A 109 23.63 -7.43 34.29
C PRO A 109 24.63 -6.62 33.46
N ASP A 110 25.05 -5.48 34.02
CA ASP A 110 25.99 -4.60 33.34
C ASP A 110 27.39 -5.19 33.26
N ASP A 111 27.76 -6.08 34.17
CA ASP A 111 29.05 -6.76 34.15
C ASP A 111 28.95 -8.15 33.57
N PHE A 112 28.09 -8.34 32.57
CA PHE A 112 27.90 -9.65 31.94
C PHE A 112 29.11 -9.98 31.08
N THR A 113 29.83 -11.04 31.46
CA THR A 113 30.98 -11.51 30.70
C THR A 113 30.61 -12.79 29.96
N GLY A 114 30.93 -12.82 28.67
CA GLY A 114 30.65 -13.95 27.83
C GLY A 114 30.22 -13.53 26.45
N CYS A 115 29.65 -14.47 25.70
CA CYS A 115 29.27 -14.25 24.31
C CYS A 115 27.81 -14.68 24.12
N VAL A 116 26.95 -13.72 23.81
CA VAL A 116 25.58 -14.05 23.43
C VAL A 116 25.57 -14.55 21.99
N LEU A 117 25.03 -15.75 21.79
CA LEU A 117 25.12 -16.44 20.51
C LEU A 117 23.70 -16.66 19.98
N ALA A 118 23.45 -16.22 18.75
CA ALA A 118 22.14 -16.33 18.14
C ALA A 118 22.28 -16.73 16.67
N TRP A 119 21.30 -17.50 16.19
CA TRP A 119 21.27 -17.87 14.78
C TRP A 119 19.83 -18.05 14.33
N ASN A 120 19.62 -17.90 13.02
CA ASN A 120 18.27 -17.99 12.47
C ASN A 120 17.81 -19.44 12.42
N THR A 121 16.55 -19.67 12.80
CA THR A 121 15.96 -21.00 12.82
C THR A 121 14.54 -20.95 12.26
N ASN A 122 14.38 -20.29 11.12
CA ASN A 122 13.07 -20.17 10.49
C ASN A 122 12.58 -21.50 9.92
N SER A 123 13.49 -22.39 9.53
CA SER A 123 13.08 -23.65 8.92
C SER A 123 12.57 -24.65 9.96
N VAL A 124 13.18 -24.68 11.14
CA VAL A 124 12.92 -25.73 12.12
C VAL A 124 11.97 -25.24 13.21
N ASP A 125 12.30 -24.12 13.84
CA ASP A 125 11.56 -23.63 15.00
C ASP A 125 10.36 -22.77 14.64
N SER A 126 9.82 -22.89 13.42
CA SER A 126 8.68 -22.10 13.01
C SER A 126 7.66 -22.98 12.29
N LYS A 127 7.34 -24.14 12.87
CA LYS A 127 6.37 -25.05 12.28
C LYS A 127 4.96 -24.63 12.71
N SER A 128 3.97 -25.43 12.34
CA SER A 128 2.57 -25.12 12.62
C SER A 128 2.11 -25.60 13.99
N GLY A 129 2.93 -26.36 14.71
CA GLY A 129 2.53 -26.88 16.01
C GLY A 129 3.27 -26.26 17.18
N ASN A 130 4.35 -25.55 16.90
CA ASN A 130 5.14 -24.95 17.96
C ASN A 130 4.46 -23.69 18.49
N ASN A 131 4.86 -23.31 19.71
CA ASN A 131 4.28 -22.14 20.37
C ASN A 131 5.33 -21.54 21.29
N PHE A 132 5.74 -20.30 20.99
CA PHE A 132 6.68 -19.56 21.82
C PHE A 132 6.02 -18.29 22.32
N TYR A 133 6.21 -17.99 23.59
CA TYR A 133 5.54 -16.87 24.25
C TYR A 133 6.58 -15.92 24.83
N TYR A 134 6.11 -14.73 25.19
CA TYR A 134 6.92 -13.78 25.94
C TYR A 134 6.02 -13.08 26.96
N ARG A 135 6.64 -12.49 27.97
CA ARG A 135 5.91 -12.03 29.15
C ARG A 135 5.04 -10.82 28.84
N LEU A 136 5.67 -9.72 28.37
CA LEU A 136 5.04 -8.50 27.84
C LEU A 136 4.29 -7.68 28.89
N PHE A 137 4.11 -8.20 30.11
CA PHE A 137 3.30 -7.56 31.13
C PHE A 137 3.72 -8.11 32.49
N ARG A 138 4.35 -7.28 33.31
CA ARG A 138 4.69 -7.67 34.67
C ARG A 138 4.84 -6.42 35.53
N HIS A 139 4.57 -6.58 36.83
CA HIS A 139 4.70 -5.48 37.79
C HIS A 139 6.10 -5.49 38.40
N GLY A 140 7.06 -5.04 37.60
CA GLY A 140 8.41 -4.89 38.11
C GLY A 140 9.52 -5.15 37.11
N LYS A 141 10.75 -4.91 37.54
CA LYS A 141 11.93 -5.13 36.71
C LYS A 141 12.56 -6.48 37.05
N ILE A 142 12.89 -7.25 36.01
CA ILE A 142 13.44 -8.58 36.22
C ILE A 142 14.91 -8.45 36.62
N LYS A 143 15.29 -9.17 37.68
CA LYS A 143 16.65 -9.13 38.19
C LYS A 143 17.60 -9.85 37.24
N PRO A 144 18.90 -9.55 37.31
CA PRO A 144 19.88 -10.30 36.51
C PRO A 144 19.89 -11.79 36.85
N TYR A 145 19.84 -12.62 35.79
CA TYR A 145 19.75 -14.08 35.86
C TYR A 145 18.55 -14.55 36.68
N GLU A 146 17.43 -13.85 36.57
CA GLU A 146 16.19 -14.25 37.24
C GLU A 146 15.24 -14.87 36.24
N ARG A 147 14.79 -16.09 36.53
CA ARG A 147 13.83 -16.80 35.68
C ARG A 147 12.45 -16.67 36.31
N ASP A 148 11.58 -15.94 35.64
CA ASP A 148 10.18 -15.85 36.06
C ASP A 148 9.51 -17.18 35.72
N ILE A 149 8.76 -17.73 36.67
CA ILE A 149 8.09 -19.01 36.44
C ILE A 149 6.90 -18.81 35.51
N SER A 150 6.37 -19.92 35.01
CA SER A 150 5.25 -19.89 34.07
C SER A 150 3.98 -19.49 34.81
N ASN A 151 3.85 -18.19 35.03
CA ASN A 151 2.71 -17.63 35.77
C ASN A 151 1.65 -17.21 34.76
N VAL A 152 0.76 -18.15 34.44
CA VAL A 152 -0.36 -17.85 33.53
C VAL A 152 -1.48 -17.31 34.41
N LEU A 153 -1.39 -16.01 34.72
CA LEU A 153 -2.40 -15.32 35.50
C LEU A 153 -2.60 -13.94 34.89
N TYR A 154 -3.84 -13.50 34.83
CA TYR A 154 -4.18 -12.28 34.11
C TYR A 154 -3.67 -11.06 34.85
N ASN A 155 -3.01 -10.17 34.11
CA ASN A 155 -2.41 -8.97 34.68
C ASN A 155 -3.40 -7.81 34.64
N SER A 156 -3.67 -7.22 35.80
CA SER A 156 -4.51 -6.04 35.89
C SER A 156 -3.63 -4.79 35.86
N ALA A 157 -4.22 -3.67 35.41
CA ALA A 157 -3.53 -2.39 35.48
C ALA A 157 -3.33 -1.95 36.92
N GLY A 158 -4.27 -2.28 37.79
CA GLY A 158 -4.11 -2.06 39.22
C GLY A 158 -4.54 -3.27 40.02
N GLY A 159 -3.62 -3.87 40.75
CA GLY A 159 -3.96 -5.04 41.55
C GLY A 159 -4.05 -6.27 40.69
N THR A 160 -5.07 -7.10 40.96
CA THR A 160 -5.30 -8.33 40.21
C THR A 160 -6.73 -8.36 39.71
N CYS A 161 -6.96 -9.17 38.66
CA CYS A 161 -8.28 -9.32 38.07
C CYS A 161 -8.63 -10.79 38.00
N SER A 162 -9.80 -11.09 37.43
CA SER A 162 -10.31 -12.45 37.36
C SER A 162 -10.48 -12.95 35.93
N SER A 163 -11.18 -12.19 35.07
CA SER A 163 -11.51 -12.65 33.73
C SER A 163 -11.08 -11.60 32.72
N ILE A 164 -11.21 -11.96 31.43
CA ILE A 164 -10.74 -11.10 30.35
C ILE A 164 -11.62 -9.87 30.19
N SER A 165 -12.91 -9.99 30.55
CA SER A 165 -13.87 -8.91 30.29
C SER A 165 -13.68 -7.71 31.21
N GLN A 166 -12.91 -7.84 32.28
CA GLN A 166 -12.65 -6.70 33.16
C GLN A 166 -11.74 -5.69 32.47
N LEU A 167 -12.06 -4.41 32.67
CA LEU A 167 -11.28 -3.34 32.06
C LEU A 167 -9.92 -3.22 32.74
N GLY A 168 -8.88 -2.99 31.93
CA GLY A 168 -7.52 -2.94 32.43
C GLY A 168 -6.89 -4.29 32.71
N CYS A 169 -7.53 -5.37 32.29
CA CYS A 169 -7.08 -6.73 32.59
C CYS A 169 -6.69 -7.41 31.29
N TYR A 170 -5.40 -7.63 31.10
CA TYR A 170 -4.86 -8.24 29.89
C TYR A 170 -4.00 -9.44 30.26
N GLU A 171 -4.12 -10.52 29.48
CA GLU A 171 -3.30 -11.70 29.71
C GLU A 171 -1.85 -11.42 29.28
N PRO A 172 -0.87 -11.87 30.07
CA PRO A 172 0.53 -11.56 29.74
C PRO A 172 1.08 -12.29 28.52
N LEU A 173 0.95 -13.62 28.48
CA LEU A 173 1.71 -14.46 27.55
C LEU A 173 1.13 -14.33 26.15
N LYS A 174 1.63 -13.34 25.41
CA LYS A 174 1.28 -13.16 24.01
C LYS A 174 2.24 -13.98 23.17
N SER A 175 1.69 -14.85 22.33
CA SER A 175 2.50 -15.77 21.54
C SER A 175 3.10 -15.04 20.34
N TYR A 176 4.32 -15.45 19.98
CA TYR A 176 4.86 -15.09 18.68
C TYR A 176 4.04 -15.75 17.58
N GLY A 177 3.76 -15.01 16.51
CA GLY A 177 3.09 -15.59 15.37
C GLY A 177 4.07 -16.22 14.42
N PHE A 178 4.76 -17.27 14.87
CA PHE A 178 5.86 -17.85 14.11
C PHE A 178 5.32 -18.74 13.00
N THR A 179 5.17 -18.18 11.82
CA THR A 179 4.94 -18.89 10.58
C THR A 179 6.21 -18.80 9.74
N PRO A 180 6.46 -19.76 8.84
CA PRO A 180 7.68 -19.68 8.02
C PRO A 180 7.67 -18.59 6.96
N THR A 181 6.54 -17.89 6.77
CA THR A 181 6.42 -16.89 5.73
C THR A 181 6.60 -15.46 6.24
N VAL A 182 6.89 -15.25 7.53
CA VAL A 182 7.09 -13.90 8.02
C VAL A 182 8.44 -13.37 7.56
N GLY A 183 8.55 -12.04 7.55
CA GLY A 183 9.80 -11.42 7.15
C GLY A 183 10.85 -11.48 8.25
N VAL A 184 12.05 -11.05 7.88
CA VAL A 184 13.18 -11.07 8.81
C VAL A 184 12.95 -10.03 9.90
N GLY A 185 13.33 -10.37 11.12
CA GLY A 185 13.02 -9.59 12.30
C GLY A 185 11.88 -10.16 13.10
N TYR A 186 10.97 -10.90 12.47
CA TYR A 186 9.87 -11.57 13.15
C TYR A 186 9.96 -13.08 13.04
N GLN A 187 11.14 -13.61 12.66
CA GLN A 187 11.53 -15.00 12.50
C GLN A 187 12.24 -15.51 13.74
N PRO A 188 12.09 -16.79 14.08
CA PRO A 188 12.63 -17.29 15.35
C PRO A 188 14.16 -17.41 15.31
N TYR A 189 14.81 -16.76 16.26
CA TYR A 189 16.26 -16.82 16.43
C TYR A 189 16.57 -17.54 17.73
N ARG A 190 17.27 -18.66 17.64
CA ARG A 190 17.67 -19.38 18.85
C ARG A 190 18.84 -18.67 19.51
N VAL A 191 18.58 -18.05 20.65
CA VAL A 191 19.60 -17.30 21.38
C VAL A 191 20.06 -18.13 22.56
N VAL A 192 21.38 -18.32 22.67
CA VAL A 192 21.97 -18.98 23.83
C VAL A 192 23.14 -18.12 24.28
N VAL A 193 23.12 -17.71 25.55
CA VAL A 193 24.22 -16.97 26.12
C VAL A 193 25.18 -17.95 26.78
N LEU A 194 26.41 -17.50 27.00
CA LEU A 194 27.44 -18.30 27.66
C LEU A 194 28.06 -17.41 28.74
N SER A 195 27.46 -17.42 29.93
CA SER A 195 27.93 -16.58 31.03
C SER A 195 29.17 -17.23 31.62
N PHE A 196 30.34 -16.85 31.10
CA PHE A 196 31.61 -17.40 31.54
C PHE A 196 31.99 -16.79 32.89
N GLU A 197 31.50 -17.41 33.95
CA GLU A 197 31.88 -17.00 35.30
C GLU A 197 33.32 -17.45 35.58
N LEU A 198 34.07 -16.59 36.28
CA LEU A 198 35.47 -16.86 36.58
C LEU A 198 35.67 -16.86 38.09
N LEU A 199 36.50 -17.81 38.54
CA LEU A 199 36.88 -18.00 39.95
C LEU A 199 35.68 -18.20 40.88
N THR B 2 -2.53 7.26 36.94
CA THR B 2 -1.94 7.59 35.66
C THR B 2 -2.85 7.16 34.51
N PRO B 3 -3.60 8.11 33.94
CA PRO B 3 -4.45 7.78 32.78
C PRO B 3 -3.66 7.47 31.52
N GLU B 4 -2.40 7.89 31.43
CA GLU B 4 -1.59 7.57 30.26
C GLU B 4 -1.21 6.09 30.23
N ASP B 5 -0.79 5.54 31.38
CA ASP B 5 -0.32 4.18 31.43
C ASP B 5 -1.45 3.16 31.31
N LEU B 6 -2.69 3.53 31.64
CA LEU B 6 -3.81 2.64 31.38
C LEU B 6 -4.10 2.52 29.90
N ALA B 7 -3.88 3.60 29.14
CA ALA B 7 -4.02 3.57 27.69
C ALA B 7 -2.74 3.17 26.98
N LYS B 8 -1.59 3.28 27.65
CA LYS B 8 -0.34 2.79 27.07
C LYS B 8 -0.32 1.26 27.03
N THR B 9 -0.70 0.63 28.14
CA THR B 9 -0.74 -0.83 28.19
C THR B 9 -1.93 -1.41 27.46
N PHE B 10 -2.98 -0.63 27.24
CA PHE B 10 -4.11 -1.10 26.44
C PHE B 10 -3.72 -1.25 24.98
N LEU B 11 -2.89 -0.33 24.48
CA LEU B 11 -2.39 -0.45 23.11
C LEU B 11 -1.37 -1.57 23.00
N ASP B 12 -0.56 -1.77 24.05
CA ASP B 12 0.35 -2.92 24.07
C ASP B 12 -0.39 -4.23 24.14
N ASP B 13 -1.55 -4.26 24.80
CA ASP B 13 -2.44 -5.41 24.70
C ASP B 13 -3.01 -5.54 23.30
N PHE B 14 -3.28 -4.40 22.64
CA PHE B 14 -3.80 -4.44 21.28
C PHE B 14 -2.73 -4.83 20.28
N ASN B 15 -1.57 -4.13 20.32
CA ASN B 15 -0.53 -4.32 19.32
C ASN B 15 0.13 -5.69 19.38
N SER B 16 0.11 -6.35 20.53
CA SER B 16 0.62 -7.70 20.65
C SER B 16 -0.42 -8.76 20.31
N ALA B 17 -1.67 -8.37 20.09
CA ALA B 17 -2.73 -9.30 19.71
C ALA B 17 -3.34 -8.99 18.35
N ALA B 18 -3.36 -7.73 17.93
CA ALA B 18 -3.84 -7.39 16.60
C ALA B 18 -2.84 -7.77 15.52
N GLU B 19 -1.55 -7.86 15.86
CA GLU B 19 -0.54 -8.19 14.87
C GLU B 19 -0.63 -9.63 14.41
N ASN B 20 -1.00 -10.54 15.31
CA ASN B 20 -1.13 -11.95 14.94
C ASN B 20 -2.50 -12.24 14.33
N LEU B 21 -3.54 -11.57 14.83
CA LEU B 21 -4.90 -11.83 14.34
C LEU B 21 -5.13 -11.25 12.96
N SER B 22 -4.43 -10.18 12.59
CA SER B 22 -4.55 -9.64 11.24
C SER B 22 -3.57 -10.28 10.26
N TYR B 23 -2.49 -10.90 10.76
CA TYR B 23 -1.60 -11.63 9.89
C TYR B 23 -2.20 -12.95 9.41
N GLN B 24 -2.93 -13.65 10.27
CA GLN B 24 -3.73 -14.77 9.83
C GLN B 24 -4.92 -14.34 8.98
N SER B 25 -5.43 -13.13 9.22
CA SER B 25 -6.48 -12.58 8.37
C SER B 25 -5.95 -12.23 6.98
N SER B 26 -4.72 -11.74 6.91
CA SER B 26 -4.11 -11.40 5.62
C SER B 26 -3.52 -12.60 4.91
N LEU B 27 -3.13 -13.64 5.64
CA LEU B 27 -2.73 -14.88 5.00
C LEU B 27 -3.92 -15.62 4.42
N ALA B 28 -5.07 -15.59 5.10
CA ALA B 28 -6.29 -16.14 4.54
C ALA B 28 -6.81 -15.29 3.40
N SER B 29 -6.57 -13.97 3.46
CA SER B 29 -6.89 -13.12 2.31
C SER B 29 -5.95 -13.38 1.15
N TRP B 30 -4.71 -13.73 1.43
CA TRP B 30 -3.76 -14.07 0.36
C TRP B 30 -4.14 -15.38 -0.32
N GLU B 31 -4.64 -16.34 0.45
CA GLU B 31 -4.99 -17.64 -0.11
C GLU B 31 -6.24 -17.56 -0.97
N TYR B 32 -7.18 -16.67 -0.65
CA TYR B 32 -8.31 -16.45 -1.53
C TYR B 32 -7.88 -15.76 -2.82
N ASN B 33 -6.92 -14.83 -2.72
CA ASN B 33 -6.49 -14.03 -3.86
C ASN B 33 -5.40 -14.72 -4.69
N THR B 34 -5.00 -15.93 -4.34
CA THR B 34 -4.07 -16.71 -5.16
C THR B 34 -4.69 -17.93 -5.80
N ASN B 35 -5.68 -18.55 -5.13
CA ASN B 35 -6.47 -19.61 -5.75
C ASN B 35 -7.85 -19.61 -5.10
N ILE B 36 -8.86 -19.30 -5.91
CA ILE B 36 -10.23 -19.18 -5.42
C ILE B 36 -10.84 -20.59 -5.33
N SER B 37 -11.36 -20.92 -4.16
CA SER B 37 -12.04 -22.18 -3.93
C SER B 37 -13.09 -21.99 -2.86
N ASP B 38 -14.00 -22.97 -2.76
CA ASP B 38 -15.03 -22.92 -1.72
C ASP B 38 -14.45 -23.14 -0.33
N GLU B 39 -13.32 -23.83 -0.22
CA GLU B 39 -12.65 -24.01 1.06
C GLU B 39 -11.78 -22.82 1.44
N ASN B 40 -11.47 -21.93 0.50
CA ASN B 40 -10.64 -20.77 0.79
C ASN B 40 -11.45 -19.55 1.21
N ILE B 41 -12.68 -19.41 0.70
CA ILE B 41 -13.53 -18.30 1.14
C ILE B 41 -13.98 -18.48 2.58
N GLN B 42 -14.25 -19.73 2.99
CA GLN B 42 -14.70 -19.98 4.36
C GLN B 42 -13.56 -19.81 5.37
N LYS B 43 -12.31 -20.07 4.95
CA LYS B 43 -11.18 -19.76 5.80
C LYS B 43 -10.86 -18.27 5.81
N MET B 44 -11.28 -17.56 4.76
CA MET B 44 -10.98 -16.12 4.67
C MET B 44 -11.88 -15.31 5.59
N ASP B 45 -13.19 -15.49 5.47
CA ASP B 45 -14.11 -14.65 6.22
C ASP B 45 -14.20 -15.01 7.70
N GLU B 46 -13.99 -16.29 8.06
CA GLU B 46 -13.95 -16.66 9.46
C GLU B 46 -12.75 -16.05 10.18
N ALA B 47 -11.59 -16.03 9.52
CA ALA B 47 -10.48 -15.24 10.01
C ALA B 47 -10.76 -13.75 9.83
N GLY B 48 -11.51 -13.39 8.79
CA GLY B 48 -11.86 -12.00 8.57
C GLY B 48 -12.92 -11.47 9.52
N ALA B 49 -13.72 -12.34 10.12
CA ALA B 49 -14.67 -11.93 11.15
C ALA B 49 -14.12 -12.07 12.56
N LYS B 50 -13.18 -13.00 12.78
CA LYS B 50 -12.47 -13.06 14.04
C LYS B 50 -11.63 -11.81 14.25
N TRP B 51 -11.01 -11.32 13.18
CA TRP B 51 -10.33 -10.03 13.24
C TRP B 51 -11.33 -8.88 13.32
N SER B 52 -12.51 -9.04 12.72
CA SER B 52 -13.55 -8.02 12.83
C SER B 52 -14.20 -8.02 14.21
N ASP B 53 -14.32 -9.20 14.83
CA ASP B 53 -14.76 -9.26 16.21
C ASP B 53 -13.75 -8.62 17.16
N PHE B 54 -12.46 -8.84 16.88
CA PHE B 54 -11.40 -8.16 17.63
C PHE B 54 -11.33 -6.68 17.28
N TYR B 55 -11.77 -6.30 16.07
CA TYR B 55 -11.80 -4.90 15.68
C TYR B 55 -12.80 -4.12 16.51
N GLU B 56 -13.98 -4.68 16.74
CA GLU B 56 -15.07 -3.97 17.40
C GLU B 56 -15.07 -4.16 18.92
N THR B 57 -14.47 -5.24 19.44
CA THR B 57 -14.40 -5.42 20.89
C THR B 57 -13.39 -4.45 21.51
N GLN B 58 -12.22 -4.33 20.88
CA GLN B 58 -11.20 -3.41 21.37
C GLN B 58 -11.57 -1.95 21.11
N SER B 59 -12.43 -1.68 20.13
CA SER B 59 -12.90 -0.32 19.90
C SER B 59 -13.79 0.15 21.05
N LYS B 60 -14.64 -0.74 21.57
CA LYS B 60 -15.50 -0.39 22.69
C LYS B 60 -14.71 -0.18 23.97
N HIS B 61 -13.63 -0.91 24.15
CA HIS B 61 -12.76 -0.71 25.31
C HIS B 61 -11.93 0.57 25.20
N ALA B 62 -11.66 1.02 23.97
CA ALA B 62 -10.91 2.26 23.78
C ALA B 62 -11.75 3.50 24.08
N LYS B 63 -13.08 3.39 23.98
CA LYS B 63 -13.95 4.53 24.23
C LYS B 63 -14.08 4.86 25.72
N ASN B 64 -13.61 3.98 26.61
CA ASN B 64 -13.59 4.28 28.04
C ASN B 64 -12.43 5.19 28.44
N PHE B 65 -11.51 5.48 27.51
CA PHE B 65 -10.42 6.40 27.76
C PHE B 65 -10.78 7.78 27.24
N SER B 66 -10.51 8.80 28.04
CA SER B 66 -10.78 10.17 27.64
C SER B 66 -9.58 10.73 26.90
N LEU B 67 -9.84 11.34 25.74
CA LEU B 67 -8.76 11.94 24.96
C LEU B 67 -8.26 13.23 25.57
N GLU B 68 -9.07 13.90 26.39
CA GLU B 68 -8.66 15.16 27.00
C GLU B 68 -7.63 14.94 28.10
N GLU B 69 -7.77 13.86 28.87
CA GLU B 69 -6.83 13.57 29.94
C GLU B 69 -5.54 12.94 29.42
N ILE B 70 -5.52 12.50 28.17
CA ILE B 70 -4.30 12.00 27.55
C ILE B 70 -3.51 13.18 27.02
N HIS B 71 -2.28 13.34 27.51
CA HIS B 71 -1.41 14.44 27.12
C HIS B 71 -0.20 13.97 26.32
N ASN B 72 -0.34 12.85 25.62
CA ASN B 72 0.68 12.32 24.72
C ASN B 72 0.06 12.15 23.35
N ASP B 73 0.62 12.81 22.34
CA ASP B 73 0.02 12.79 21.01
C ASP B 73 0.25 11.48 20.27
N THR B 74 1.23 10.68 20.71
CA THR B 74 1.49 9.41 20.05
C THR B 74 0.36 8.41 20.33
N VAL B 75 -0.06 8.31 21.59
CA VAL B 75 -1.13 7.39 21.94
C VAL B 75 -2.51 7.99 21.74
N LYS B 76 -2.61 9.32 21.65
CA LYS B 76 -3.90 9.95 21.38
C LYS B 76 -4.37 9.66 19.96
N LEU B 77 -3.45 9.68 19.00
CA LEU B 77 -3.80 9.36 17.62
C LEU B 77 -4.14 7.88 17.43
N GLN B 78 -3.51 6.99 18.19
CA GLN B 78 -3.87 5.58 18.12
C GLN B 78 -5.25 5.33 18.75
N LEU B 79 -5.56 6.04 19.83
CA LEU B 79 -6.90 5.93 20.42
C LEU B 79 -7.95 6.57 19.53
N GLN B 80 -7.57 7.61 18.77
CA GLN B 80 -8.52 8.28 17.89
C GLN B 80 -8.93 7.39 16.72
N ILE B 81 -8.02 6.56 16.21
CA ILE B 81 -8.39 5.58 15.21
C ILE B 81 -9.25 4.48 15.83
N LEU B 82 -8.92 4.05 17.04
CA LEU B 82 -9.63 2.97 17.71
C LEU B 82 -11.02 3.36 18.19
N GLN B 83 -11.18 4.59 18.69
CA GLN B 83 -12.50 5.02 19.15
C GLN B 83 -13.44 5.36 18.00
N GLN B 84 -12.93 5.59 16.80
CA GLN B 84 -13.74 6.03 15.67
C GLN B 84 -13.77 5.01 14.54
N SER B 85 -13.56 3.73 14.85
CA SER B 85 -13.65 2.66 13.85
C SER B 85 -14.17 1.40 14.56
N GLY B 86 -15.46 1.18 14.46
CA GLY B 86 -16.08 0.01 15.07
C GLY B 86 -17.51 0.27 15.43
N SER B 87 -18.24 -0.84 15.66
CA SER B 87 -19.64 -0.91 16.06
C SER B 87 -20.56 -0.17 15.08
N PRO B 88 -20.81 -0.70 13.88
CA PRO B 88 -21.76 -0.05 12.97
C PRO B 88 -23.18 -0.12 13.50
N VAL B 89 -23.98 0.89 13.16
CA VAL B 89 -25.35 0.99 13.67
C VAL B 89 -26.31 0.06 12.95
N LEU B 90 -25.88 -0.56 11.85
CA LEU B 90 -26.73 -1.46 11.09
C LEU B 90 -27.05 -2.73 11.90
N SER B 91 -28.25 -3.26 11.66
CA SER B 91 -28.71 -4.44 12.37
C SER B 91 -28.08 -5.69 11.78
N GLU B 92 -28.43 -6.84 12.38
CA GLU B 92 -27.90 -8.12 11.92
C GLU B 92 -28.43 -8.49 10.54
N ASP B 93 -29.70 -8.18 10.26
CA ASP B 93 -30.28 -8.51 8.96
C ASP B 93 -29.70 -7.64 7.86
N LYS B 94 -29.52 -6.34 8.13
CA LYS B 94 -29.03 -5.44 7.09
C LYS B 94 -27.53 -5.60 6.85
N SER B 95 -26.78 -6.02 7.87
CA SER B 95 -25.35 -6.29 7.68
C SER B 95 -25.12 -7.51 6.80
N LYS B 96 -25.98 -8.53 6.94
CA LYS B 96 -25.94 -9.64 5.98
C LYS B 96 -26.45 -9.21 4.62
N ARG B 97 -27.41 -8.27 4.59
CA ARG B 97 -27.88 -7.71 3.32
C ARG B 97 -26.79 -6.89 2.64
N LEU B 98 -26.05 -6.11 3.42
CA LEU B 98 -24.99 -5.26 2.86
C LEU B 98 -23.82 -6.09 2.35
N ASN B 99 -23.42 -7.11 3.10
CA ASN B 99 -22.33 -7.98 2.66
C ASN B 99 -22.76 -8.87 1.50
N SER B 100 -24.06 -9.14 1.36
CA SER B 100 -24.55 -9.82 0.17
C SER B 100 -24.45 -8.94 -1.05
N ILE B 101 -24.70 -7.64 -0.88
CA ILE B 101 -24.65 -6.69 -2.00
C ILE B 101 -23.21 -6.51 -2.48
N LEU B 102 -22.28 -6.31 -1.55
CA LEU B 102 -20.88 -6.10 -1.91
C LEU B 102 -20.26 -7.35 -2.53
N ASN B 103 -20.72 -8.54 -2.13
CA ASN B 103 -20.30 -9.76 -2.78
C ASN B 103 -21.05 -10.04 -4.07
N ALA B 104 -22.12 -9.30 -4.35
CA ALA B 104 -22.83 -9.45 -5.62
C ALA B 104 -22.35 -8.45 -6.66
N MET B 105 -22.04 -7.22 -6.24
CA MET B 105 -21.54 -6.21 -7.18
C MET B 105 -20.14 -6.57 -7.67
N SER B 106 -19.32 -7.17 -6.81
CA SER B 106 -18.02 -7.67 -7.27
C SER B 106 -18.18 -8.89 -8.17
N THR B 107 -19.18 -9.73 -7.91
CA THR B 107 -19.40 -10.91 -8.75
C THR B 107 -20.00 -10.55 -10.10
N ILE B 108 -20.90 -9.55 -10.13
CA ILE B 108 -21.45 -9.08 -11.39
C ILE B 108 -20.38 -8.41 -12.24
N TYR B 109 -19.51 -7.63 -11.61
CA TYR B 109 -18.45 -6.93 -12.35
C TYR B 109 -17.38 -7.90 -12.85
N SER B 110 -16.99 -8.89 -12.05
CA SER B 110 -15.91 -9.79 -12.45
C SER B 110 -16.41 -10.85 -13.44
N THR B 111 -17.51 -11.52 -13.13
CA THR B 111 -18.01 -12.56 -14.00
C THR B 111 -18.87 -12.03 -15.14
N GLY B 112 -19.13 -10.72 -15.19
CA GLY B 112 -19.88 -10.17 -16.29
C GLY B 112 -19.09 -10.17 -17.58
N LYS B 113 -19.81 -10.23 -18.70
CA LYS B 113 -19.17 -10.41 -19.99
C LYS B 113 -20.09 -9.87 -21.08
N VAL B 114 -19.50 -9.20 -22.06
CA VAL B 114 -20.26 -8.62 -23.16
C VAL B 114 -20.18 -9.56 -24.35
N CYS B 115 -21.28 -10.26 -24.63
CA CYS B 115 -21.35 -11.16 -25.77
C CYS B 115 -21.79 -10.39 -27.01
N ARG B 116 -21.35 -10.88 -28.16
CA ARG B 116 -21.74 -10.27 -29.43
C ARG B 116 -23.22 -10.52 -29.70
N PRO B 117 -23.98 -9.50 -30.09
CA PRO B 117 -25.40 -9.72 -30.43
C PRO B 117 -25.61 -10.60 -31.64
N ASN B 118 -24.67 -10.63 -32.59
CA ASN B 118 -24.78 -11.53 -33.73
C ASN B 118 -24.56 -12.98 -33.32
N ASN B 119 -23.53 -13.23 -32.53
CA ASN B 119 -23.21 -14.58 -32.06
C ASN B 119 -22.88 -14.50 -30.58
N PRO B 120 -23.82 -14.90 -29.70
CA PRO B 120 -23.56 -14.82 -28.26
C PRO B 120 -22.75 -15.99 -27.71
N GLN B 121 -22.23 -16.84 -28.59
CA GLN B 121 -21.40 -17.96 -28.15
C GLN B 121 -20.05 -17.47 -27.65
N GLU B 122 -19.29 -16.80 -28.51
CA GLU B 122 -18.05 -16.16 -28.06
C GLU B 122 -18.38 -14.93 -27.24
N CYS B 123 -17.68 -14.75 -26.13
CA CYS B 123 -18.04 -13.71 -25.16
C CYS B 123 -16.83 -13.39 -24.31
N LEU B 124 -16.43 -12.11 -24.30
CA LEU B 124 -15.22 -11.70 -23.62
C LEU B 124 -15.50 -11.34 -22.17
N LEU B 125 -14.72 -11.94 -21.26
CA LEU B 125 -14.90 -11.77 -19.82
C LEU B 125 -13.93 -10.72 -19.26
N LEU B 126 -13.61 -9.71 -20.09
CA LEU B 126 -12.84 -8.50 -19.77
C LEU B 126 -11.35 -8.76 -19.54
N GLU B 127 -10.94 -10.03 -19.48
CA GLU B 127 -9.55 -10.39 -19.20
C GLU B 127 -9.27 -11.83 -19.64
N PRO B 128 -8.75 -12.05 -20.86
CA PRO B 128 -8.54 -11.07 -21.92
C PRO B 128 -9.81 -10.77 -22.72
N GLY B 129 -9.92 -9.56 -23.23
CA GLY B 129 -11.10 -9.13 -23.94
C GLY B 129 -11.54 -7.78 -23.45
N LEU B 130 -12.23 -7.04 -24.33
CA LEU B 130 -12.85 -5.74 -24.07
C LEU B 130 -11.87 -4.65 -23.64
N ASP B 131 -10.56 -4.90 -23.77
CA ASP B 131 -9.53 -3.92 -23.52
C ASP B 131 -8.50 -3.86 -24.63
N ASN B 132 -8.26 -4.96 -25.34
CA ASN B 132 -7.59 -4.88 -26.63
C ASN B 132 -8.50 -4.23 -27.67
N ILE B 133 -9.81 -4.48 -27.57
CA ILE B 133 -10.78 -3.82 -28.44
C ILE B 133 -10.87 -2.33 -28.12
N MET B 134 -10.99 -2.00 -26.84
CA MET B 134 -11.13 -0.60 -26.45
C MET B 134 -9.79 0.12 -26.37
N GLY B 135 -8.68 -0.58 -26.52
CA GLY B 135 -7.37 0.06 -26.41
C GLY B 135 -6.59 0.15 -27.70
N THR B 136 -6.93 -0.68 -28.68
CA THR B 136 -6.20 -0.65 -29.95
C THR B 136 -7.09 -0.38 -31.15
N SER B 137 -8.32 -0.88 -31.15
CA SER B 137 -9.19 -0.73 -32.31
C SER B 137 -9.69 0.71 -32.44
N LYS B 138 -9.93 1.11 -33.69
CA LYS B 138 -10.33 2.47 -34.01
C LYS B 138 -11.70 2.58 -34.66
N ASP B 139 -12.43 1.47 -34.79
CA ASP B 139 -13.73 1.51 -35.44
C ASP B 139 -14.77 2.14 -34.51
N TYR B 140 -15.63 2.98 -35.09
CA TYR B 140 -16.66 3.64 -34.30
C TYR B 140 -17.79 2.68 -33.93
N ASN B 141 -18.21 1.83 -34.85
CA ASN B 141 -19.32 0.92 -34.62
C ASN B 141 -18.91 -0.35 -33.88
N GLU B 142 -17.61 -0.56 -33.67
CA GLU B 142 -17.15 -1.70 -32.88
C GLU B 142 -16.91 -1.32 -31.42
N ARG B 143 -16.33 -0.15 -31.17
CA ARG B 143 -16.15 0.32 -29.81
C ARG B 143 -17.47 0.73 -29.17
N LEU B 144 -18.48 1.06 -29.99
CA LEU B 144 -19.80 1.38 -29.46
C LEU B 144 -20.46 0.14 -28.85
N TRP B 145 -20.21 -1.03 -29.44
CA TRP B 145 -20.76 -2.28 -28.89
C TRP B 145 -20.11 -2.62 -27.57
N ALA B 146 -18.78 -2.52 -27.49
CA ALA B 146 -18.07 -2.90 -26.28
C ALA B 146 -18.25 -1.89 -25.15
N TRP B 147 -18.68 -0.67 -25.45
CA TRP B 147 -18.87 0.33 -24.41
C TRP B 147 -20.30 0.31 -23.89
N GLU B 148 -21.28 0.36 -24.80
CA GLU B 148 -22.68 0.29 -24.40
C GLU B 148 -23.04 -1.09 -23.86
N GLY B 149 -22.42 -2.15 -24.39
CA GLY B 149 -22.67 -3.49 -23.89
C GLY B 149 -22.18 -3.68 -22.46
N TRP B 150 -21.08 -3.03 -22.08
CA TRP B 150 -20.64 -3.05 -20.70
C TRP B 150 -21.52 -2.21 -19.79
N ARG B 151 -22.18 -1.19 -20.34
CA ARG B 151 -23.17 -0.42 -19.58
C ARG B 151 -24.54 -1.08 -19.60
N ALA B 152 -24.71 -2.20 -20.32
CA ALA B 152 -25.98 -2.90 -20.38
C ALA B 152 -25.98 -4.18 -19.56
N GLU B 153 -25.00 -5.05 -19.78
CA GLU B 153 -24.90 -6.29 -19.01
C GLU B 153 -24.50 -6.00 -17.56
N VAL B 154 -23.45 -5.19 -17.38
CA VAL B 154 -23.00 -4.85 -16.03
C VAL B 154 -23.65 -3.57 -15.51
N GLY B 155 -24.48 -2.92 -16.32
CA GLY B 155 -25.14 -1.70 -15.88
C GLY B 155 -26.51 -1.94 -15.29
N LYS B 156 -27.36 -2.69 -16.00
CA LYS B 156 -28.70 -2.97 -15.51
C LYS B 156 -28.67 -3.93 -14.33
N GLN B 157 -27.67 -4.79 -14.27
CA GLN B 157 -27.52 -5.74 -13.18
C GLN B 157 -26.85 -5.15 -11.95
N LEU B 158 -26.42 -3.89 -12.02
CA LEU B 158 -25.78 -3.23 -10.89
C LEU B 158 -26.54 -2.01 -10.41
N ARG B 159 -27.52 -1.51 -11.18
CA ARG B 159 -28.32 -0.38 -10.72
C ARG B 159 -29.19 -0.68 -9.50
N PRO B 160 -29.95 -1.79 -9.41
CA PRO B 160 -30.67 -2.05 -8.15
C PRO B 160 -29.75 -2.41 -6.99
N LEU B 161 -28.58 -2.97 -7.26
CA LEU B 161 -27.63 -3.24 -6.18
C LEU B 161 -26.96 -1.96 -5.69
N TYR B 162 -26.80 -0.97 -6.55
CA TYR B 162 -26.21 0.30 -6.15
C TYR B 162 -27.22 1.24 -5.50
N GLU B 163 -28.51 1.10 -5.81
CA GLU B 163 -29.51 1.95 -5.17
C GLU B 163 -29.70 1.57 -3.70
N GLU B 164 -29.46 0.30 -3.35
CA GLU B 164 -29.42 -0.10 -1.94
C GLU B 164 -28.04 0.06 -1.34
N TYR B 165 -27.00 0.17 -2.17
CA TYR B 165 -25.65 0.43 -1.65
C TYR B 165 -25.53 1.84 -1.09
N VAL B 166 -26.20 2.81 -1.73
CA VAL B 166 -26.11 4.20 -1.27
C VAL B 166 -27.00 4.49 -0.07
N VAL B 167 -27.78 3.52 0.40
CA VAL B 167 -28.63 3.68 1.57
C VAL B 167 -28.04 2.99 2.79
N LEU B 168 -27.57 1.75 2.62
CA LEU B 168 -26.99 1.01 3.74
C LEU B 168 -25.64 1.58 4.15
N LYS B 169 -24.83 2.00 3.18
CA LYS B 169 -23.54 2.61 3.52
C LYS B 169 -23.72 4.03 4.06
N ASN B 170 -24.80 4.71 3.65
CA ASN B 170 -25.12 6.01 4.24
C ASN B 170 -25.53 5.85 5.70
N GLU B 171 -26.34 4.82 5.99
CA GLU B 171 -26.74 4.54 7.36
C GLU B 171 -25.57 4.03 8.19
N MET B 172 -24.66 3.27 7.56
CA MET B 172 -23.46 2.83 8.25
C MET B 172 -22.56 4.00 8.61
N ALA B 173 -22.46 4.97 7.70
CA ALA B 173 -21.62 6.14 7.96
C ALA B 173 -22.23 7.05 9.03
N ARG B 174 -23.56 7.09 9.13
CA ARG B 174 -24.20 7.86 10.18
C ARG B 174 -24.09 7.20 11.54
N GLY B 175 -23.71 5.92 11.59
CA GLY B 175 -23.42 5.27 12.86
C GLY B 175 -22.13 5.75 13.49
N TYR B 176 -21.21 6.28 12.69
CA TYR B 176 -20.01 6.93 13.20
C TYR B 176 -20.17 8.44 13.32
N HIS B 177 -21.42 8.92 13.29
CA HIS B 177 -21.82 10.32 13.40
C HIS B 177 -21.28 11.20 12.28
N TYR B 178 -20.93 10.60 11.13
CA TYR B 178 -20.71 11.37 9.94
C TYR B 178 -22.04 11.66 9.25
N GLU B 179 -22.07 12.72 8.44
CA GLU B 179 -23.34 13.12 7.84
C GLU B 179 -23.76 12.19 6.71
N ASP B 180 -22.82 11.74 5.87
CA ASP B 180 -23.14 10.91 4.73
C ASP B 180 -22.00 9.92 4.50
N TYR B 181 -22.16 9.07 3.50
CA TYR B 181 -21.09 8.13 3.17
C TYR B 181 -19.93 8.82 2.45
N GLY B 182 -20.21 9.90 1.72
CA GLY B 182 -19.14 10.68 1.13
C GLY B 182 -18.26 11.36 2.16
N ASP B 183 -18.84 11.80 3.27
CA ASP B 183 -18.05 12.33 4.38
C ASP B 183 -17.30 11.23 5.12
N TYR B 184 -17.76 9.97 5.03
CA TYR B 184 -17.01 8.86 5.58
C TYR B 184 -15.75 8.56 4.78
N TRP B 185 -15.74 8.89 3.50
CA TRP B 185 -14.56 8.69 2.67
C TRP B 185 -13.56 9.83 2.78
N ARG B 186 -14.00 11.02 3.16
CA ARG B 186 -13.10 12.16 3.38
C ARG B 186 -12.65 12.23 4.83
N ARG B 187 -12.17 11.12 5.37
CA ARG B 187 -11.61 11.08 6.71
C ARG B 187 -10.13 10.74 6.74
N ASP B 188 -9.56 10.25 5.63
CA ASP B 188 -8.12 10.09 5.55
C ASP B 188 -7.43 11.44 5.47
N TYR B 189 -8.10 12.44 4.89
CA TYR B 189 -7.60 13.80 4.81
C TYR B 189 -8.00 14.66 5.99
N GLU B 190 -8.79 14.13 6.91
CA GLU B 190 -9.17 14.87 8.11
C GLU B 190 -7.96 15.04 9.03
N THR B 191 -7.79 16.25 9.55
CA THR B 191 -6.62 16.59 10.34
C THR B 191 -7.06 17.47 11.52
N GLU B 192 -6.72 17.04 12.73
CA GLU B 192 -6.90 17.86 13.92
C GLU B 192 -5.55 18.08 14.58
N GLY B 193 -5.31 19.30 15.04
CA GLY B 193 -4.03 19.65 15.62
C GLY B 193 -3.82 21.15 15.75
N SER B 194 -2.70 21.63 15.22
CA SER B 194 -2.43 23.06 15.22
C SER B 194 -3.41 23.77 14.30
N PRO B 195 -3.83 24.99 14.65
CA PRO B 195 -4.79 25.72 13.80
C PRO B 195 -4.30 26.05 12.40
N ASP B 196 -3.00 26.30 12.22
CA ASP B 196 -2.49 26.56 10.88
C ASP B 196 -2.39 25.27 10.07
N LEU B 197 -1.95 24.18 10.69
CA LEU B 197 -1.85 22.88 10.02
C LEU B 197 -3.10 22.04 10.30
N GLU B 198 -4.25 22.59 9.92
CA GLU B 198 -5.55 21.97 10.15
C GLU B 198 -6.26 21.81 8.82
N TYR B 199 -6.81 20.61 8.58
CA TYR B 199 -7.49 20.29 7.33
C TYR B 199 -8.82 19.62 7.67
N SER B 200 -9.91 20.32 7.41
CA SER B 200 -11.23 19.79 7.69
C SER B 200 -11.65 18.80 6.60
N ARG B 201 -12.71 18.05 6.88
CA ARG B 201 -13.26 17.15 5.88
C ARG B 201 -13.98 17.88 4.77
N ASP B 202 -14.46 19.10 5.02
CA ASP B 202 -15.08 19.93 3.99
C ASP B 202 -14.10 20.86 3.31
N GLN B 203 -12.87 20.99 3.82
CA GLN B 203 -11.84 21.73 3.11
C GLN B 203 -11.27 20.94 1.94
N LEU B 204 -11.44 19.62 1.94
CA LEU B 204 -11.05 18.81 0.79
C LEU B 204 -11.88 19.15 -0.43
N THR B 205 -13.20 19.30 -0.25
CA THR B 205 -14.06 19.66 -1.37
C THR B 205 -13.80 21.09 -1.84
N LYS B 206 -13.37 21.98 -0.94
CA LYS B 206 -13.02 23.33 -1.35
C LYS B 206 -11.68 23.37 -2.08
N ASP B 207 -10.71 22.58 -1.63
CA ASP B 207 -9.38 22.60 -2.24
C ASP B 207 -9.37 21.90 -3.60
N VAL B 208 -10.05 20.76 -3.71
CA VAL B 208 -10.04 19.96 -4.93
C VAL B 208 -10.75 20.71 -6.06
N GLU B 209 -11.84 21.42 -5.75
CA GLU B 209 -12.49 22.27 -6.74
C GLU B 209 -11.61 23.47 -7.10
N ARG B 210 -10.82 23.97 -6.14
CA ARG B 210 -9.93 25.08 -6.40
C ARG B 210 -8.76 24.66 -7.30
N ILE B 211 -8.24 23.45 -7.09
CA ILE B 211 -7.13 22.94 -7.88
C ILE B 211 -7.55 22.71 -9.32
N PHE B 212 -8.76 22.15 -9.53
CA PHE B 212 -9.22 21.87 -10.88
C PHE B 212 -9.51 23.14 -11.68
N ALA B 213 -9.76 24.27 -10.99
CA ALA B 213 -9.84 25.54 -11.68
C ALA B 213 -8.50 26.00 -12.22
N GLU B 214 -7.39 25.47 -11.68
CA GLU B 214 -6.06 25.77 -12.19
C GLU B 214 -5.51 24.69 -13.11
N ILE B 215 -6.03 23.46 -13.03
CA ILE B 215 -5.65 22.42 -13.97
C ILE B 215 -6.21 22.71 -15.36
N LYS B 216 -7.48 23.13 -15.41
CA LYS B 216 -8.29 23.34 -16.61
C LYS B 216 -7.67 24.21 -17.72
N PRO B 217 -6.85 25.24 -17.43
CA PRO B 217 -6.08 25.84 -18.54
C PRO B 217 -5.10 24.88 -19.21
N LEU B 218 -4.48 23.96 -18.46
CA LEU B 218 -3.62 22.97 -19.10
C LEU B 218 -4.45 21.88 -19.77
N TYR B 219 -5.57 21.50 -19.16
CA TYR B 219 -6.36 20.39 -19.68
C TYR B 219 -7.11 20.77 -20.95
N GLU B 220 -7.64 21.99 -21.01
CA GLU B 220 -8.43 22.39 -22.17
C GLU B 220 -7.57 22.58 -23.42
N GLN B 221 -6.33 23.06 -23.25
CA GLN B 221 -5.38 23.06 -24.35
C GLN B 221 -4.99 21.64 -24.74
N LEU B 222 -4.87 20.76 -23.76
CA LEU B 222 -4.65 19.35 -24.03
C LEU B 222 -5.87 18.71 -24.70
N HIS B 223 -7.07 19.08 -24.25
CA HIS B 223 -8.30 18.54 -24.83
C HIS B 223 -8.52 19.04 -26.25
N ALA B 224 -8.09 20.27 -26.55
CA ALA B 224 -8.22 20.80 -27.90
C ALA B 224 -7.27 20.10 -28.86
N TYR B 225 -6.04 19.85 -28.43
CA TYR B 225 -5.08 19.16 -29.29
C TYR B 225 -5.42 17.70 -29.46
N VAL B 226 -5.99 17.07 -28.42
CA VAL B 226 -6.44 15.68 -28.55
C VAL B 226 -7.61 15.60 -29.52
N ARG B 227 -8.57 16.52 -29.43
CA ARG B 227 -9.73 16.51 -30.31
C ARG B 227 -9.34 16.82 -31.76
N ALA B 228 -8.34 17.68 -31.95
CA ALA B 228 -7.89 18.00 -33.31
C ALA B 228 -7.15 16.82 -33.94
N LYS B 229 -6.31 16.13 -33.17
CA LYS B 229 -5.59 14.97 -33.70
C LYS B 229 -6.53 13.78 -33.90
N LEU B 230 -7.52 13.61 -33.01
CA LEU B 230 -8.48 12.53 -33.20
C LEU B 230 -9.51 12.85 -34.28
N MET B 231 -9.59 14.10 -34.71
CA MET B 231 -10.50 14.46 -35.80
C MET B 231 -10.05 13.84 -37.12
N ASP B 232 -8.74 13.66 -37.30
CA ASP B 232 -8.24 12.96 -38.49
C ASP B 232 -8.57 11.47 -38.45
N THR B 233 -8.49 10.86 -37.27
CA THR B 233 -8.81 9.44 -37.14
C THR B 233 -10.31 9.18 -37.17
N TYR B 234 -11.11 10.13 -36.68
CA TYR B 234 -12.57 10.05 -36.69
C TYR B 234 -13.09 11.26 -37.46
N PRO B 235 -13.15 11.16 -38.80
CA PRO B 235 -13.53 12.35 -39.60
C PRO B 235 -15.01 12.64 -39.63
N PHE B 236 -15.87 11.74 -39.17
CA PHE B 236 -17.31 11.93 -39.30
C PHE B 236 -18.06 11.98 -37.98
N HIS B 237 -17.49 11.46 -36.89
CA HIS B 237 -18.20 11.32 -35.63
C HIS B 237 -17.67 12.23 -34.54
N ILE B 238 -16.89 13.26 -34.89
CA ILE B 238 -16.39 14.22 -33.92
C ILE B 238 -16.68 15.63 -34.45
N SER B 239 -17.44 16.41 -33.69
CA SER B 239 -17.61 17.82 -34.00
C SER B 239 -16.33 18.58 -33.67
N PRO B 240 -15.92 19.55 -34.50
CA PRO B 240 -14.67 20.26 -34.26
C PRO B 240 -14.72 21.28 -33.14
N THR B 241 -15.86 21.47 -32.47
CA THR B 241 -15.96 22.39 -31.35
C THR B 241 -16.72 21.83 -30.16
N GLY B 242 -17.22 20.60 -30.25
CA GLY B 242 -17.99 19.99 -29.19
C GLY B 242 -17.16 19.07 -28.32
N CYS B 243 -17.86 18.29 -27.49
CA CYS B 243 -17.21 17.34 -26.60
C CYS B 243 -16.75 16.10 -27.37
N LEU B 244 -15.71 15.47 -26.84
CA LEU B 244 -15.24 14.21 -27.39
C LEU B 244 -16.22 13.10 -27.06
N PRO B 245 -16.28 12.05 -27.88
CA PRO B 245 -17.01 10.84 -27.48
C PRO B 245 -16.31 10.16 -26.31
N ALA B 246 -17.11 9.72 -25.33
CA ALA B 246 -16.55 9.15 -24.11
C ALA B 246 -16.06 7.72 -24.29
N HIS B 247 -16.36 7.08 -25.42
CA HIS B 247 -15.93 5.71 -25.66
C HIS B 247 -14.70 5.60 -26.55
N LEU B 248 -14.24 6.71 -27.14
CA LEU B 248 -13.10 6.71 -28.03
C LEU B 248 -11.81 7.14 -27.35
N LEU B 249 -11.81 7.23 -26.02
CA LEU B 249 -10.70 7.83 -25.28
C LEU B 249 -10.04 6.79 -24.39
N GLY B 250 -8.89 6.27 -24.83
CA GLY B 250 -8.01 5.49 -23.98
C GLY B 250 -8.56 4.15 -23.52
N ASP B 251 -8.94 4.09 -22.25
CA ASP B 251 -9.55 2.90 -21.67
C ASP B 251 -11.02 2.82 -22.10
N MET B 252 -11.73 1.85 -21.54
CA MET B 252 -13.17 1.73 -21.82
C MET B 252 -13.95 2.87 -21.19
N TRP B 253 -13.69 3.16 -19.92
CA TRP B 253 -14.42 4.20 -19.21
C TRP B 253 -13.90 5.60 -19.50
N GLY B 254 -12.73 5.71 -20.13
CA GLY B 254 -12.11 6.98 -20.38
C GLY B 254 -11.27 7.51 -19.25
N ARG B 255 -10.70 6.63 -18.42
CA ARG B 255 -9.92 7.07 -17.26
C ARG B 255 -8.55 7.59 -17.68
N PHE B 256 -7.73 6.73 -18.26
CA PHE B 256 -6.43 7.13 -18.79
C PHE B 256 -6.54 7.27 -20.31
N TRP B 257 -5.84 8.27 -20.85
CA TRP B 257 -5.80 8.51 -22.29
C TRP B 257 -4.57 7.91 -22.94
N THR B 258 -3.94 6.92 -22.30
CA THR B 258 -2.64 6.43 -22.74
C THR B 258 -2.74 5.65 -24.06
N ASN B 259 -3.91 5.13 -24.38
CA ASN B 259 -4.09 4.38 -25.62
C ASN B 259 -4.31 5.28 -26.84
N LEU B 260 -4.36 6.59 -26.65
CA LEU B 260 -4.51 7.54 -27.75
C LEU B 260 -3.18 8.00 -28.31
N TYR B 261 -2.05 7.59 -27.72
CA TYR B 261 -0.73 8.02 -28.17
C TYR B 261 -0.33 7.49 -29.55
N PRO B 262 -0.74 6.28 -29.99
CA PRO B 262 -0.60 5.99 -31.44
C PRO B 262 -1.40 6.93 -32.33
N LEU B 263 -2.56 7.41 -31.88
CA LEU B 263 -3.34 8.33 -32.70
C LEU B 263 -2.89 9.77 -32.49
N THR B 264 -2.92 10.25 -31.25
CA THR B 264 -2.48 11.60 -30.93
C THR B 264 -0.98 11.55 -30.65
N VAL B 265 -0.19 11.77 -31.68
CA VAL B 265 1.27 11.76 -31.56
C VAL B 265 1.79 13.10 -32.08
N PRO B 266 2.66 13.79 -31.33
CA PRO B 266 3.14 15.09 -31.81
C PRO B 266 4.08 14.99 -33.00
N PHE B 267 5.02 14.04 -32.98
CA PHE B 267 5.99 13.88 -34.07
C PHE B 267 6.08 12.40 -34.41
N GLY B 268 5.38 12.00 -35.47
CA GLY B 268 5.40 10.61 -35.89
C GLY B 268 6.68 10.19 -36.59
N GLN B 269 7.48 11.15 -37.04
CA GLN B 269 8.73 10.85 -37.73
C GLN B 269 9.89 10.58 -36.78
N LYS B 270 9.67 10.74 -35.47
CA LYS B 270 10.71 10.45 -34.49
C LYS B 270 10.58 9.03 -33.96
N PRO B 271 11.67 8.40 -33.56
CA PRO B 271 11.57 7.07 -32.94
C PRO B 271 10.86 7.12 -31.60
N ASN B 272 10.17 6.02 -31.29
CA ASN B 272 9.35 5.96 -30.10
C ASN B 272 10.22 5.76 -28.86
N ILE B 273 9.61 6.01 -27.70
CA ILE B 273 10.27 5.81 -26.41
C ILE B 273 9.76 4.51 -25.82
N ASP B 274 9.23 3.63 -26.67
CA ASP B 274 8.62 2.40 -26.22
C ASP B 274 9.67 1.41 -25.73
N VAL B 275 9.41 0.80 -24.58
CA VAL B 275 10.31 -0.19 -23.99
C VAL B 275 9.77 -1.61 -24.16
N THR B 276 8.57 -1.77 -24.71
CA THR B 276 7.96 -3.10 -24.83
C THR B 276 8.72 -3.98 -25.82
N ASP B 277 9.03 -3.45 -27.00
CA ASP B 277 9.75 -4.23 -28.00
C ASP B 277 11.21 -4.40 -27.63
N ALA B 278 11.76 -3.49 -26.83
CA ALA B 278 13.16 -3.59 -26.42
C ALA B 278 13.37 -4.69 -25.38
N MET B 279 12.42 -4.88 -24.48
CA MET B 279 12.55 -5.92 -23.47
C MET B 279 12.38 -7.32 -24.05
N LEU B 280 11.49 -7.47 -25.04
CA LEU B 280 11.30 -8.76 -25.68
C LEU B 280 12.47 -9.17 -26.56
N ASN B 281 13.23 -8.21 -27.08
CA ASN B 281 14.39 -8.52 -27.90
C ASN B 281 15.62 -8.88 -27.07
N GLN B 282 15.60 -8.60 -25.77
CA GLN B 282 16.72 -8.90 -24.89
C GLN B 282 16.33 -9.98 -23.88
N THR B 283 17.33 -10.42 -23.12
CA THR B 283 17.10 -11.38 -22.04
C THR B 283 16.44 -10.62 -20.89
N TRP B 284 15.11 -10.74 -20.81
CA TRP B 284 14.34 -9.92 -19.87
C TRP B 284 13.08 -10.69 -19.50
N ASP B 285 13.10 -11.33 -18.34
CA ASP B 285 11.98 -12.11 -17.85
C ASP B 285 11.19 -11.31 -16.82
N ALA B 286 10.20 -11.96 -16.21
CA ALA B 286 9.35 -11.30 -15.22
C ALA B 286 10.09 -11.03 -13.91
N LYS B 287 11.19 -11.73 -13.65
CA LYS B 287 12.00 -11.42 -12.48
C LYS B 287 12.75 -10.10 -12.66
N ARG B 288 13.33 -9.88 -13.85
CA ARG B 288 14.06 -8.65 -14.13
C ARG B 288 13.14 -7.44 -14.31
N ILE B 289 11.83 -7.66 -14.50
CA ILE B 289 10.86 -6.57 -14.37
C ILE B 289 10.90 -6.00 -12.96
N PHE B 290 10.96 -6.89 -11.96
CA PHE B 290 11.07 -6.49 -10.56
C PHE B 290 12.49 -6.40 -10.03
N LYS B 291 13.45 -7.09 -10.65
CA LYS B 291 14.82 -7.01 -10.16
C LYS B 291 15.49 -5.70 -10.57
N GLU B 292 15.21 -5.20 -11.77
CA GLU B 292 15.77 -3.92 -12.18
C GLU B 292 15.09 -2.75 -11.48
N ALA B 293 13.82 -2.92 -11.12
CA ALA B 293 13.12 -1.89 -10.34
C ALA B 293 13.67 -1.80 -8.93
N GLU B 294 14.18 -2.89 -8.37
CA GLU B 294 14.86 -2.84 -7.08
C GLU B 294 16.16 -2.06 -7.17
N LYS B 295 16.81 -2.08 -8.33
CA LYS B 295 18.07 -1.35 -8.51
C LYS B 295 17.85 0.16 -8.50
N PHE B 296 16.67 0.62 -8.93
CA PHE B 296 16.40 2.06 -8.91
C PHE B 296 16.17 2.57 -7.49
N PHE B 297 15.42 1.80 -6.68
CA PHE B 297 15.18 2.20 -5.31
C PHE B 297 16.45 2.10 -4.47
N VAL B 298 17.30 1.11 -4.73
CA VAL B 298 18.53 0.97 -3.96
C VAL B 298 19.60 1.95 -4.41
N SER B 299 19.43 2.58 -5.57
CA SER B 299 20.40 3.58 -6.03
C SER B 299 20.27 4.88 -5.26
N ILE B 300 19.09 5.17 -4.71
CA ILE B 300 18.84 6.44 -4.03
C ILE B 300 18.96 6.29 -2.52
N GLY B 301 19.36 5.12 -2.03
CA GLY B 301 19.56 4.92 -0.61
C GLY B 301 18.47 4.16 0.11
N LEU B 302 17.34 3.90 -0.54
CA LEU B 302 16.32 3.06 0.06
C LEU B 302 16.80 1.62 0.12
N PRO B 303 16.39 0.86 1.16
CA PRO B 303 16.94 -0.50 1.33
C PRO B 303 16.47 -1.50 0.28
N HIS B 304 17.10 -2.66 0.27
CA HIS B 304 16.76 -3.73 -0.66
C HIS B 304 15.43 -4.36 -0.29
N MET B 305 14.92 -5.21 -1.16
CA MET B 305 13.79 -6.04 -0.80
C MET B 305 14.23 -7.14 0.16
N THR B 306 13.27 -7.64 0.94
CA THR B 306 13.56 -8.67 1.92
C THR B 306 13.82 -10.01 1.22
N GLU B 307 14.48 -10.91 1.96
CA GLU B 307 14.80 -12.22 1.41
C GLU B 307 13.54 -13.06 1.19
N GLY B 308 12.51 -12.86 1.98
CA GLY B 308 11.24 -13.52 1.81
C GLY B 308 10.29 -12.81 0.86
N PHE B 309 10.71 -11.71 0.26
CA PHE B 309 9.85 -11.02 -0.71
C PHE B 309 9.74 -11.79 -2.02
N TRP B 310 10.87 -12.30 -2.53
CA TRP B 310 10.88 -12.99 -3.80
C TRP B 310 10.27 -14.39 -3.71
N ASN B 311 10.39 -15.03 -2.55
CA ASN B 311 9.87 -16.39 -2.40
C ASN B 311 8.36 -16.41 -2.22
N ASN B 312 7.81 -15.39 -1.54
CA ASN B 312 6.41 -15.41 -1.16
C ASN B 312 5.49 -14.67 -2.13
N SER B 313 6.00 -13.68 -2.87
CA SER B 313 5.15 -12.90 -3.75
C SER B 313 4.79 -13.69 -5.00
N MET B 314 3.61 -13.41 -5.54
CA MET B 314 3.15 -14.01 -6.79
C MET B 314 3.44 -13.00 -7.90
N LEU B 315 4.70 -12.97 -8.34
CA LEU B 315 5.11 -12.02 -9.36
C LEU B 315 4.62 -12.41 -10.75
N THR B 316 4.27 -13.66 -10.97
CA THR B 316 3.80 -14.15 -12.27
C THR B 316 2.55 -14.98 -12.07
N ASP B 317 1.79 -15.13 -13.15
CA ASP B 317 0.58 -15.95 -13.10
C ASP B 317 0.95 -17.42 -13.00
N PRO B 318 0.53 -18.12 -11.96
CA PRO B 318 0.90 -19.54 -11.81
C PRO B 318 0.06 -20.43 -12.72
N GLY B 319 0.58 -21.63 -12.95
CA GLY B 319 -0.10 -22.64 -13.73
C GLY B 319 -0.95 -23.55 -12.87
N ASP B 320 -1.13 -24.78 -13.38
CA ASP B 320 -1.85 -25.88 -12.70
C ASP B 320 -3.30 -25.52 -12.38
N GLY B 321 -3.91 -24.68 -13.21
CA GLY B 321 -5.33 -24.35 -13.10
C GLY B 321 -5.74 -23.61 -11.84
N ARG B 322 -4.97 -22.60 -11.45
CA ARG B 322 -5.30 -21.78 -10.29
C ARG B 322 -6.20 -20.64 -10.73
N LYS B 323 -7.42 -20.61 -10.20
CA LYS B 323 -8.34 -19.51 -10.45
C LYS B 323 -8.01 -18.35 -9.54
N VAL B 324 -7.40 -17.30 -10.09
CA VAL B 324 -6.90 -16.17 -9.31
C VAL B 324 -7.40 -14.87 -9.93
N VAL B 325 -8.03 -14.04 -9.10
CA VAL B 325 -8.25 -12.64 -9.45
C VAL B 325 -6.93 -11.92 -9.26
N CYS B 326 -6.40 -11.34 -10.32
CA CYS B 326 -5.04 -10.84 -10.33
C CYS B 326 -4.98 -9.35 -10.64
N HIS B 327 -5.84 -8.59 -9.97
CA HIS B 327 -5.70 -7.14 -9.97
C HIS B 327 -4.41 -6.75 -9.25
N PRO B 328 -3.63 -5.81 -9.78
CA PRO B 328 -2.33 -5.49 -9.17
C PRO B 328 -2.49 -4.79 -7.83
N THR B 329 -2.12 -5.50 -6.77
CA THR B 329 -2.20 -4.98 -5.41
C THR B 329 -0.90 -5.28 -4.68
N ALA B 330 -0.45 -4.32 -3.88
CA ALA B 330 0.77 -4.45 -3.09
C ALA B 330 0.37 -4.79 -1.67
N TRP B 331 0.49 -6.07 -1.31
CA TRP B 331 0.05 -6.56 -0.01
C TRP B 331 1.09 -6.27 1.05
N ASP B 332 0.65 -5.71 2.17
CA ASP B 332 1.43 -5.64 3.40
C ASP B 332 0.74 -6.56 4.40
N LEU B 333 1.22 -7.80 4.49
CA LEU B 333 0.56 -8.79 5.33
C LEU B 333 0.87 -8.61 6.82
N GLY B 334 1.82 -7.77 7.17
CA GLY B 334 2.21 -7.60 8.54
C GLY B 334 3.32 -8.53 8.95
N LYS B 335 3.85 -8.28 10.15
CA LYS B 335 4.98 -9.01 10.75
C LYS B 335 6.22 -8.98 9.85
N GLY B 336 6.44 -7.86 9.18
CA GLY B 336 7.58 -7.72 8.30
C GLY B 336 7.48 -8.44 6.97
N ASP B 337 6.31 -8.97 6.62
CA ASP B 337 6.13 -9.71 5.38
C ASP B 337 5.46 -8.81 4.35
N PHE B 338 6.15 -8.56 3.24
CA PHE B 338 5.66 -7.73 2.15
C PHE B 338 5.63 -8.56 0.88
N ARG B 339 4.51 -8.49 0.15
CA ARG B 339 4.33 -9.27 -1.06
C ARG B 339 3.71 -8.40 -2.15
N ILE B 340 3.85 -8.87 -3.39
CA ILE B 340 3.19 -8.27 -4.55
C ILE B 340 2.35 -9.33 -5.21
N LYS B 341 1.05 -9.05 -5.38
CA LYS B 341 0.17 -9.91 -6.16
C LYS B 341 -0.11 -9.21 -7.48
N MET B 342 0.59 -9.62 -8.53
CA MET B 342 0.38 -9.02 -9.86
C MET B 342 0.82 -10.02 -10.91
N CYS B 343 -0.06 -10.32 -11.86
CA CYS B 343 0.27 -11.15 -13.01
C CYS B 343 0.79 -10.22 -14.10
N THR B 344 2.11 -10.12 -14.21
CA THR B 344 2.70 -9.17 -15.15
C THR B 344 2.62 -9.67 -16.58
N LYS B 345 2.43 -8.74 -17.51
CA LYS B 345 2.58 -8.98 -18.93
C LYS B 345 3.55 -7.91 -19.43
N VAL B 346 4.61 -8.34 -20.11
CA VAL B 346 5.77 -7.48 -20.35
C VAL B 346 5.44 -6.40 -21.38
N THR B 347 5.18 -5.20 -20.87
CA THR B 347 4.82 -4.03 -21.68
C THR B 347 5.40 -2.79 -20.99
N MET B 348 5.04 -1.62 -21.51
CA MET B 348 5.40 -0.37 -20.84
C MET B 348 4.51 -0.09 -19.63
N GLU B 349 3.26 -0.57 -19.64
CA GLU B 349 2.34 -0.28 -18.55
C GLU B 349 2.73 -1.05 -17.29
N ASP B 350 3.09 -2.32 -17.43
CA ASP B 350 3.48 -3.11 -16.27
C ASP B 350 4.84 -2.75 -15.72
N PHE B 351 5.70 -2.13 -16.53
CA PHE B 351 7.02 -1.72 -16.06
C PHE B 351 6.90 -0.54 -15.10
N LEU B 352 5.91 0.32 -15.29
CA LEU B 352 5.67 1.42 -14.38
C LEU B 352 4.88 1.00 -13.14
N THR B 353 3.97 0.05 -13.28
CA THR B 353 3.28 -0.50 -12.11
C THR B 353 4.14 -1.51 -11.36
N ALA B 354 5.28 -1.91 -11.93
CA ALA B 354 6.31 -2.60 -11.16
C ALA B 354 7.14 -1.64 -10.32
N HIS B 355 6.93 -0.33 -10.49
CA HIS B 355 7.40 0.67 -9.54
C HIS B 355 6.28 1.23 -8.68
N HIS B 356 5.04 1.22 -9.17
CA HIS B 356 3.92 1.68 -8.34
C HIS B 356 3.61 0.69 -7.22
N GLU B 357 3.53 -0.60 -7.56
CA GLU B 357 3.36 -1.63 -6.53
C GLU B 357 4.61 -1.78 -5.68
N MET B 358 5.78 -1.50 -6.23
CA MET B 358 7.01 -1.40 -5.47
C MET B 358 7.20 -0.01 -4.87
N GLY B 359 6.17 0.84 -4.92
CA GLY B 359 6.19 2.12 -4.27
C GLY B 359 5.44 2.08 -2.96
N HIS B 360 4.43 1.20 -2.88
CA HIS B 360 3.82 0.89 -1.60
C HIS B 360 4.80 0.11 -0.72
N ILE B 361 5.51 -0.84 -1.32
CA ILE B 361 6.70 -1.37 -0.68
C ILE B 361 7.76 -0.28 -0.74
N GLN B 362 8.65 -0.26 0.26
CA GLN B 362 9.61 0.76 0.70
C GLN B 362 8.89 1.94 1.36
N TYR B 363 7.57 2.01 1.30
CA TYR B 363 6.73 2.80 2.19
C TYR B 363 6.16 1.95 3.32
N ASP B 364 5.65 0.76 2.99
CA ASP B 364 5.29 -0.22 4.01
C ASP B 364 6.52 -0.69 4.77
N MET B 365 7.67 -0.81 4.10
CA MET B 365 8.91 -1.14 4.78
C MET B 365 9.42 0.01 5.64
N ALA B 366 9.00 1.23 5.36
CA ALA B 366 9.52 2.40 6.07
C ALA B 366 8.84 2.64 7.40
N TYR B 367 7.51 2.57 7.46
CA TYR B 367 6.81 2.80 8.72
C TYR B 367 6.57 1.51 9.50
N ALA B 368 7.42 0.49 9.33
CA ALA B 368 7.31 -0.70 10.15
C ALA B 368 7.77 -0.47 11.58
N SER B 369 8.55 0.58 11.84
CA SER B 369 8.92 0.95 13.19
C SER B 369 7.85 1.74 13.91
N GLN B 370 6.81 2.17 13.20
CA GLN B 370 5.68 2.85 13.79
C GLN B 370 4.81 1.86 14.56
N PRO B 371 3.95 2.33 15.46
CA PRO B 371 2.92 1.45 16.04
C PRO B 371 1.95 0.94 14.98
N TYR B 372 1.21 -0.10 15.37
CA TYR B 372 0.44 -0.89 14.40
C TYR B 372 -0.69 -0.09 13.76
N LEU B 373 -1.38 0.74 14.54
CA LEU B 373 -2.48 1.54 13.98
C LEU B 373 -1.97 2.68 13.12
N LEU B 374 -0.76 3.18 13.37
CA LEU B 374 -0.15 4.21 12.54
C LEU B 374 0.74 3.61 11.46
N ARG B 375 0.20 2.65 10.70
CA ARG B 375 0.95 1.96 9.65
C ARG B 375 0.23 2.09 8.32
N ASN B 376 -0.22 3.29 8.01
CA ASN B 376 -0.80 3.61 6.72
C ASN B 376 -0.04 4.80 6.14
N GLY B 377 -0.51 5.31 5.02
CA GLY B 377 0.03 6.54 4.49
C GLY B 377 -0.36 7.75 5.32
N ALA B 378 0.26 8.88 5.00
CA ALA B 378 -0.17 10.14 5.62
C ALA B 378 -1.60 10.47 5.24
N ASN B 379 -1.98 10.23 3.99
CA ASN B 379 -3.36 10.07 3.59
C ASN B 379 -3.41 8.95 2.56
N GLU B 380 -4.56 8.79 1.91
CA GLU B 380 -4.63 7.82 0.83
C GLU B 380 -3.99 8.31 -0.45
N GLY B 381 -3.75 9.61 -0.58
CA GLY B 381 -3.07 10.15 -1.74
C GLY B 381 -1.57 10.14 -1.60
N PHE B 382 -1.08 10.08 -0.36
CA PHE B 382 0.35 9.98 -0.14
C PHE B 382 0.87 8.60 -0.50
N HIS B 383 0.07 7.57 -0.26
CA HIS B 383 0.52 6.19 -0.50
C HIS B 383 0.61 5.88 -1.98
N GLU B 384 -0.29 6.44 -2.79
CA GLU B 384 -0.30 6.19 -4.23
C GLU B 384 0.68 7.05 -4.99
N ALA B 385 1.25 8.08 -4.36
CA ALA B 385 2.14 9.01 -5.04
C ALA B 385 3.61 8.63 -4.92
N VAL B 386 3.97 7.72 -4.00
CA VAL B 386 5.37 7.29 -3.89
C VAL B 386 5.75 6.43 -5.08
N GLY B 387 4.87 5.54 -5.51
CA GLY B 387 5.15 4.74 -6.68
C GLY B 387 5.15 5.55 -7.97
N GLU B 388 4.22 6.48 -8.10
CA GLU B 388 4.10 7.24 -9.33
C GLU B 388 5.15 8.33 -9.48
N VAL B 389 5.79 8.76 -8.39
CA VAL B 389 6.92 9.68 -8.53
C VAL B 389 8.17 8.94 -9.00
N MET B 390 8.20 7.61 -8.87
CA MET B 390 9.19 6.79 -9.54
C MET B 390 8.86 6.55 -11.01
N SER B 391 7.63 6.82 -11.44
CA SER B 391 7.26 6.75 -12.85
C SER B 391 7.63 8.02 -13.60
N LEU B 392 8.18 9.01 -12.91
CA LEU B 392 8.64 10.26 -13.53
C LEU B 392 10.15 10.30 -13.71
N SER B 393 10.90 9.59 -12.88
CA SER B 393 12.35 9.57 -12.98
C SER B 393 12.88 8.38 -13.76
N VAL B 394 12.09 7.31 -13.87
CA VAL B 394 12.51 6.14 -14.63
C VAL B 394 12.11 6.27 -16.10
N ALA B 395 10.92 6.80 -16.37
CA ALA B 395 10.40 6.91 -17.73
C ALA B 395 11.10 7.97 -18.57
N THR B 396 12.00 8.77 -18.00
CA THR B 396 12.76 9.74 -18.77
C THR B 396 13.70 9.00 -19.73
N PRO B 397 13.89 9.52 -20.96
CA PRO B 397 14.79 8.86 -21.91
C PRO B 397 16.25 8.89 -21.51
N LYS B 398 16.65 9.81 -20.64
CA LYS B 398 18.02 9.81 -20.13
C LYS B 398 18.26 8.63 -19.20
N HIS B 399 17.26 8.28 -18.39
CA HIS B 399 17.41 7.14 -17.48
C HIS B 399 17.29 5.81 -18.22
N LEU B 400 16.46 5.74 -19.27
CA LEU B 400 16.37 4.53 -20.06
C LEU B 400 17.61 4.31 -20.92
N LYS B 401 18.34 5.37 -21.23
CA LYS B 401 19.61 5.23 -21.95
C LYS B 401 20.68 4.63 -21.05
N THR B 402 20.75 5.08 -19.79
CA THR B 402 21.69 4.49 -18.83
C THR B 402 21.23 3.12 -18.36
N MET B 403 19.94 2.81 -18.46
CA MET B 403 19.46 1.47 -18.13
C MET B 403 19.89 0.46 -19.17
N GLY B 404 20.14 0.91 -20.40
CA GLY B 404 20.47 0.02 -21.50
C GLY B 404 19.29 -0.45 -22.31
N LEU B 405 18.07 -0.13 -21.87
CA LEU B 405 16.87 -0.52 -22.61
C LEU B 405 16.59 0.37 -23.79
N LEU B 406 17.23 1.54 -23.87
CA LEU B 406 17.09 2.45 -24.99
C LEU B 406 18.41 2.49 -25.76
N SER B 407 18.31 2.78 -27.06
CA SER B 407 19.49 2.79 -27.91
C SER B 407 20.40 3.97 -27.55
N PRO B 408 21.72 3.78 -27.65
CA PRO B 408 22.65 4.89 -27.40
C PRO B 408 22.58 6.01 -28.42
N ASP B 409 22.02 5.76 -29.61
CA ASP B 409 21.88 6.77 -30.64
C ASP B 409 20.55 7.51 -30.54
N PHE B 410 19.76 7.25 -29.50
CA PHE B 410 18.49 7.94 -29.30
C PHE B 410 18.80 9.34 -28.77
N LEU B 411 18.94 10.29 -29.68
CA LEU B 411 19.29 11.66 -29.31
C LEU B 411 18.05 12.39 -28.77
N GLU B 412 18.25 13.17 -27.71
CA GLU B 412 17.17 13.96 -27.11
C GLU B 412 17.08 15.28 -27.86
N ASP B 413 16.26 15.32 -28.90
CA ASP B 413 16.07 16.52 -29.68
C ASP B 413 14.99 17.39 -29.02
N ASN B 414 14.64 18.51 -29.67
CA ASN B 414 13.53 19.32 -29.20
C ASN B 414 12.18 18.74 -29.55
N GLU B 415 12.14 17.73 -30.42
CA GLU B 415 10.92 17.02 -30.75
C GLU B 415 10.66 15.82 -29.84
N THR B 416 11.70 15.25 -29.26
CA THR B 416 11.56 14.18 -28.28
C THR B 416 11.33 14.71 -26.87
N GLU B 417 11.41 16.02 -26.68
CA GLU B 417 10.94 16.64 -25.44
C GLU B 417 9.44 16.82 -25.42
N ILE B 418 8.77 16.63 -26.56
CA ILE B 418 7.32 16.73 -26.65
C ILE B 418 6.69 15.34 -26.74
N ASN B 419 7.36 14.38 -27.37
CA ASN B 419 6.83 13.02 -27.47
C ASN B 419 6.75 12.35 -26.10
N PHE B 420 7.77 12.55 -25.26
CA PHE B 420 7.71 12.03 -23.90
C PHE B 420 6.72 12.81 -23.05
N LEU B 421 6.67 14.13 -23.22
CA LEU B 421 5.83 14.96 -22.37
C LEU B 421 4.36 14.83 -22.70
N PHE B 422 4.00 14.59 -23.97
CA PHE B 422 2.61 14.37 -24.32
C PHE B 422 2.12 13.02 -23.85
N LYS B 423 3.00 12.01 -23.79
CA LYS B 423 2.63 10.73 -23.22
C LYS B 423 2.41 10.84 -21.72
N GLN B 424 3.14 11.73 -21.05
CA GLN B 424 2.88 12.03 -19.65
C GLN B 424 1.67 12.93 -19.47
N ALA B 425 1.18 13.57 -20.52
CA ALA B 425 -0.05 14.35 -20.42
C ALA B 425 -1.30 13.50 -20.61
N LEU B 426 -1.20 12.41 -21.38
CA LEU B 426 -2.35 11.54 -21.56
C LEU B 426 -2.62 10.71 -20.32
N THR B 427 -1.57 10.20 -19.68
CA THR B 427 -1.75 9.35 -18.51
C THR B 427 -2.15 10.15 -17.29
N ILE B 428 -1.52 11.29 -17.07
CA ILE B 428 -1.58 12.00 -15.80
C ILE B 428 -2.54 13.18 -15.84
N VAL B 429 -2.42 14.03 -16.86
CA VAL B 429 -3.35 15.16 -16.99
C VAL B 429 -4.67 14.69 -17.58
N GLY B 430 -4.66 13.62 -18.37
CA GLY B 430 -5.88 13.11 -18.96
C GLY B 430 -6.78 12.35 -18.01
N THR B 431 -6.31 12.05 -16.79
CA THR B 431 -7.14 11.37 -15.80
C THR B 431 -7.66 12.29 -14.71
N LEU B 432 -7.14 13.51 -14.60
CA LEU B 432 -7.55 14.48 -13.58
C LEU B 432 -9.01 14.91 -13.66
N PRO B 433 -9.62 15.21 -14.82
CA PRO B 433 -11.06 15.56 -14.77
C PRO B 433 -11.96 14.37 -14.53
N PHE B 434 -11.60 13.17 -15.01
CA PHE B 434 -12.44 12.01 -14.77
C PHE B 434 -12.38 11.56 -13.32
N THR B 435 -11.20 11.65 -12.71
CA THR B 435 -11.07 11.30 -11.30
C THR B 435 -11.76 12.31 -10.40
N TYR B 436 -11.81 13.57 -10.82
CA TYR B 436 -12.44 14.61 -10.01
C TYR B 436 -13.95 14.45 -9.99
N MET B 437 -14.57 14.25 -11.14
CA MET B 437 -16.02 14.23 -11.18
C MET B 437 -16.61 12.89 -10.76
N LEU B 438 -15.85 11.80 -10.83
CA LEU B 438 -16.33 10.53 -10.29
C LEU B 438 -16.38 10.59 -8.77
N GLU B 439 -15.48 11.35 -8.15
CA GLU B 439 -15.59 11.73 -6.75
C GLU B 439 -16.20 13.12 -6.59
N LYS B 440 -17.10 13.50 -7.49
CA LYS B 440 -17.96 14.65 -7.28
C LYS B 440 -19.39 14.22 -7.54
N TRP B 441 -19.54 13.20 -8.40
CA TRP B 441 -20.84 12.58 -8.59
C TRP B 441 -21.23 11.77 -7.36
N ARG B 442 -20.29 10.97 -6.84
CA ARG B 442 -20.60 10.15 -5.68
C ARG B 442 -20.70 10.97 -4.41
N TRP B 443 -19.94 12.07 -4.31
CA TRP B 443 -20.05 12.94 -3.15
C TRP B 443 -21.38 13.68 -3.09
N MET B 444 -22.05 13.84 -4.23
CA MET B 444 -23.39 14.40 -4.27
C MET B 444 -24.47 13.33 -4.23
N VAL B 445 -24.17 12.12 -4.70
CA VAL B 445 -25.12 11.01 -4.58
C VAL B 445 -25.29 10.61 -3.12
N PHE B 446 -24.17 10.47 -2.40
CA PHE B 446 -24.23 10.12 -0.98
C PHE B 446 -24.79 11.25 -0.13
N LYS B 447 -24.60 12.50 -0.54
CA LYS B 447 -25.14 13.62 0.23
C LYS B 447 -26.65 13.72 0.08
N GLY B 448 -27.16 13.55 -1.14
CA GLY B 448 -28.57 13.76 -1.39
C GLY B 448 -28.82 14.94 -2.30
N GLU B 449 -27.74 15.54 -2.79
CA GLU B 449 -27.87 16.61 -3.79
C GLU B 449 -28.36 16.08 -5.12
N ILE B 450 -28.09 14.82 -5.43
CA ILE B 450 -28.57 14.16 -6.64
C ILE B 450 -29.61 13.13 -6.21
N PRO B 451 -30.88 13.31 -6.59
CA PRO B 451 -31.88 12.27 -6.29
C PRO B 451 -31.68 11.03 -7.14
N LYS B 452 -32.31 9.94 -6.70
CA LYS B 452 -32.11 8.64 -7.32
C LYS B 452 -32.72 8.56 -8.73
N GLU B 453 -33.69 9.42 -9.04
CA GLU B 453 -34.26 9.50 -10.38
C GLU B 453 -33.49 10.45 -11.28
N GLU B 454 -32.43 11.07 -10.76
CA GLU B 454 -31.61 11.98 -11.57
C GLU B 454 -30.13 11.61 -11.50
N TRP B 455 -29.81 10.34 -11.27
CA TRP B 455 -28.41 9.89 -11.20
C TRP B 455 -27.74 10.01 -12.56
N MET B 456 -28.30 9.34 -13.58
CA MET B 456 -27.70 9.36 -14.90
C MET B 456 -27.88 10.68 -15.63
N THR B 457 -28.86 11.48 -15.22
CA THR B 457 -29.03 12.81 -15.81
C THR B 457 -27.88 13.72 -15.40
N LYS B 458 -27.57 13.77 -14.12
CA LYS B 458 -26.48 14.62 -13.63
C LYS B 458 -25.11 13.95 -13.75
N TRP B 459 -25.06 12.66 -14.08
CA TRP B 459 -23.77 12.02 -14.35
C TRP B 459 -23.20 12.53 -15.66
N TRP B 460 -24.01 12.53 -16.72
CA TRP B 460 -23.55 13.02 -18.01
C TRP B 460 -23.52 14.53 -18.09
N GLU B 461 -24.37 15.23 -17.31
CA GLU B 461 -24.28 16.68 -17.24
C GLU B 461 -23.02 17.17 -16.55
N MET B 462 -22.37 16.32 -15.75
CA MET B 462 -21.06 16.62 -15.21
C MET B 462 -19.93 16.04 -16.05
N LYS B 463 -20.21 15.07 -16.91
CA LYS B 463 -19.19 14.62 -17.86
C LYS B 463 -18.93 15.67 -18.92
N ARG B 464 -19.98 16.35 -19.40
CA ARG B 464 -19.82 17.35 -20.45
C ARG B 464 -19.17 18.62 -19.91
N LYS B 465 -19.61 19.09 -18.75
CA LYS B 465 -19.15 20.39 -18.25
C LYS B 465 -17.72 20.31 -17.70
N ILE B 466 -17.39 19.21 -17.03
CA ILE B 466 -16.09 19.10 -16.36
C ILE B 466 -15.07 18.39 -17.24
N VAL B 467 -15.38 17.16 -17.68
CA VAL B 467 -14.41 16.38 -18.45
C VAL B 467 -14.44 16.78 -19.92
N GLY B 468 -15.62 17.02 -20.47
CA GLY B 468 -15.72 17.36 -21.88
C GLY B 468 -15.98 16.13 -22.73
N VAL B 469 -16.79 15.22 -22.21
CA VAL B 469 -17.13 14.00 -22.91
C VAL B 469 -18.65 13.86 -22.98
N VAL B 470 -19.13 13.30 -24.07
CA VAL B 470 -20.56 13.18 -24.34
C VAL B 470 -20.86 11.72 -24.62
N GLU B 471 -22.01 11.25 -24.13
CA GLU B 471 -22.40 9.86 -24.32
C GLU B 471 -22.73 9.60 -25.79
N PRO B 472 -22.25 8.50 -26.37
CA PRO B 472 -22.62 8.18 -27.75
C PRO B 472 -24.03 7.62 -27.89
N VAL B 473 -24.63 7.15 -26.80
CA VAL B 473 -26.01 6.66 -26.80
C VAL B 473 -26.72 7.29 -25.61
N PRO B 474 -28.02 7.58 -25.69
CA PRO B 474 -28.72 8.15 -24.53
C PRO B 474 -28.93 7.11 -23.44
N HIS B 475 -28.69 7.52 -22.19
CA HIS B 475 -28.82 6.65 -21.04
C HIS B 475 -29.94 7.16 -20.14
N ASP B 476 -30.90 6.28 -19.85
CA ASP B 476 -31.96 6.59 -18.89
C ASP B 476 -31.51 6.14 -17.51
N GLU B 477 -32.44 6.09 -16.56
CA GLU B 477 -32.12 5.73 -15.18
C GLU B 477 -32.14 4.21 -14.96
N THR B 478 -32.41 3.44 -16.00
CA THR B 478 -32.31 1.98 -15.90
C THR B 478 -30.88 1.47 -16.00
N TYR B 479 -29.95 2.31 -16.47
CA TYR B 479 -28.54 1.96 -16.55
C TYR B 479 -27.80 2.56 -15.35
N CYS B 480 -26.68 1.94 -14.99
CA CYS B 480 -25.77 2.49 -14.00
C CYS B 480 -24.36 2.45 -14.61
N ASP B 481 -24.07 3.46 -15.41
CA ASP B 481 -22.71 3.66 -15.91
C ASP B 481 -21.64 3.96 -14.85
N PRO B 482 -21.86 4.76 -13.79
CA PRO B 482 -20.78 4.95 -12.79
C PRO B 482 -20.35 3.69 -12.07
N ALA B 483 -21.22 2.71 -11.89
CA ALA B 483 -20.87 1.49 -11.18
C ALA B 483 -20.19 0.45 -12.07
N SER B 484 -19.92 0.80 -13.34
CA SER B 484 -19.21 -0.09 -14.23
C SER B 484 -17.71 -0.10 -14.00
N LEU B 485 -17.18 0.85 -13.24
CA LEU B 485 -15.76 0.87 -12.92
C LEU B 485 -15.46 -0.11 -11.80
N PHE B 486 -14.19 -0.54 -11.73
CA PHE B 486 -13.76 -1.46 -10.68
C PHE B 486 -13.82 -0.80 -9.30
N HIS B 487 -13.43 0.46 -9.21
CA HIS B 487 -13.34 1.14 -7.92
C HIS B 487 -14.70 1.57 -7.38
N VAL B 488 -15.75 1.52 -8.19
CA VAL B 488 -17.09 1.90 -7.74
C VAL B 488 -17.92 0.67 -7.39
N ALA B 489 -17.83 -0.39 -8.20
CA ALA B 489 -18.59 -1.60 -7.93
C ALA B 489 -18.01 -2.38 -6.74
N ASN B 490 -16.70 -2.26 -6.51
CA ASN B 490 -16.05 -3.00 -5.43
C ASN B 490 -15.78 -2.14 -4.20
N ASP B 491 -16.45 -0.98 -4.10
CA ASP B 491 -16.46 -0.12 -2.92
C ASP B 491 -15.06 0.39 -2.55
N TYR B 492 -14.48 1.17 -3.46
CA TYR B 492 -13.16 1.74 -3.25
C TYR B 492 -13.22 3.26 -3.34
N SER B 493 -12.34 3.92 -2.59
CA SER B 493 -12.22 5.37 -2.69
C SER B 493 -11.45 5.73 -3.95
N PHE B 494 -12.01 6.63 -4.74
CA PHE B 494 -11.40 7.04 -6.01
C PHE B 494 -10.72 8.38 -5.94
N ILE B 495 -10.75 9.07 -4.79
CA ILE B 495 -10.08 10.37 -4.67
C ILE B 495 -8.60 10.21 -4.37
N ARG B 496 -8.11 8.97 -4.27
CA ARG B 496 -6.67 8.73 -4.22
C ARG B 496 -5.99 9.23 -5.49
N TYR B 497 -6.52 8.82 -6.65
CA TYR B 497 -5.87 9.05 -7.93
C TYR B 497 -5.92 10.50 -8.40
N TYR B 498 -6.75 11.34 -7.78
CA TYR B 498 -6.70 12.77 -8.04
C TYR B 498 -5.63 13.42 -7.15
N THR B 499 -5.69 13.14 -5.85
CA THR B 499 -4.79 13.78 -4.90
C THR B 499 -3.37 13.25 -5.00
N ARG B 500 -3.18 12.01 -5.44
CA ARG B 500 -1.80 11.52 -5.61
C ARG B 500 -1.13 12.17 -6.80
N THR B 501 -1.90 12.57 -7.82
CA THR B 501 -1.34 13.21 -9.00
C THR B 501 -0.82 14.60 -8.68
N ILE B 502 -1.57 15.34 -7.85
CA ILE B 502 -1.11 16.64 -7.35
C ILE B 502 0.13 16.46 -6.47
N PHE B 503 0.18 15.37 -5.70
CA PHE B 503 1.37 15.05 -4.92
C PHE B 503 2.45 14.36 -5.75
N GLU B 504 2.12 13.86 -6.95
CA GLU B 504 3.12 13.17 -7.78
C GLU B 504 4.19 14.14 -8.27
N PHE B 505 3.81 15.35 -8.62
CA PHE B 505 4.77 16.35 -9.07
C PHE B 505 5.20 17.29 -7.96
N GLN B 506 4.41 17.42 -6.90
CA GLN B 506 4.87 18.17 -5.74
C GLN B 506 6.00 17.46 -5.03
N PHE B 507 5.95 16.12 -4.98
CA PHE B 507 7.10 15.36 -4.49
C PHE B 507 8.26 15.45 -5.46
N HIS B 508 7.97 15.42 -6.77
CA HIS B 508 9.01 15.36 -7.79
C HIS B 508 9.83 16.64 -7.85
N GLU B 509 9.18 17.80 -7.77
CA GLU B 509 9.93 19.06 -7.79
C GLU B 509 10.68 19.26 -6.48
N ALA B 510 10.20 18.66 -5.39
CA ALA B 510 10.94 18.71 -4.13
C ALA B 510 12.15 17.79 -4.15
N LEU B 511 12.06 16.64 -4.82
CA LEU B 511 13.19 15.72 -4.89
C LEU B 511 14.27 16.21 -5.85
N CYS B 512 13.89 16.94 -6.89
CA CYS B 512 14.86 17.38 -7.89
C CYS B 512 15.59 18.65 -7.50
N ARG B 513 15.21 19.30 -6.40
CA ARG B 513 16.01 20.41 -5.87
C ARG B 513 16.96 19.96 -4.77
N ILE B 514 16.73 18.80 -4.17
CA ILE B 514 17.70 18.21 -3.27
C ILE B 514 18.74 17.40 -4.05
N ALA B 515 18.36 16.87 -5.21
CA ALA B 515 19.27 16.15 -6.09
C ALA B 515 20.12 17.10 -6.94
N LYS B 516 19.96 18.42 -6.77
CA LYS B 516 20.74 19.46 -7.44
C LYS B 516 20.62 19.38 -8.95
N HIS B 517 19.42 19.09 -9.43
CA HIS B 517 19.15 19.08 -10.86
C HIS B 517 19.06 20.51 -11.38
N ASP B 518 19.85 20.81 -12.40
CA ASP B 518 19.90 22.14 -13.01
C ASP B 518 19.34 22.02 -14.41
N GLY B 519 18.07 22.40 -14.57
CA GLY B 519 17.41 22.33 -15.86
C GLY B 519 15.90 22.25 -15.71
N PRO B 520 15.23 21.75 -16.75
CA PRO B 520 13.78 21.60 -16.68
C PRO B 520 13.37 20.47 -15.75
N LEU B 521 12.11 20.49 -15.36
CA LEU B 521 11.59 19.49 -14.42
C LEU B 521 11.38 18.14 -15.08
N HIS B 522 11.01 18.11 -16.36
CA HIS B 522 10.77 16.84 -17.02
C HIS B 522 12.07 16.11 -17.37
N LYS B 523 13.19 16.81 -17.39
CA LYS B 523 14.49 16.22 -17.67
C LYS B 523 15.19 15.72 -16.42
N CYS B 524 14.54 15.81 -15.25
CA CYS B 524 15.17 15.44 -14.00
C CYS B 524 15.26 13.92 -13.86
N ASP B 525 16.25 13.50 -13.08
CA ASP B 525 16.50 12.08 -12.83
C ASP B 525 17.16 11.99 -11.46
N ILE B 526 16.48 11.36 -10.50
CA ILE B 526 16.96 11.32 -9.12
C ILE B 526 17.75 10.04 -8.86
N SER B 527 18.04 9.29 -9.93
CA SER B 527 18.79 8.05 -9.79
C SER B 527 20.24 8.33 -9.41
N ASN B 528 20.83 7.37 -8.69
CA ASN B 528 22.21 7.42 -8.18
C ASN B 528 22.47 8.65 -7.32
N SER B 529 21.46 9.05 -6.55
CA SER B 529 21.55 10.21 -5.67
C SER B 529 21.03 9.82 -4.29
N THR B 530 21.94 9.66 -3.34
CA THR B 530 21.57 9.27 -1.98
C THR B 530 21.07 10.45 -1.15
N ASP B 531 21.15 11.67 -1.66
CA ASP B 531 20.63 12.84 -0.97
C ASP B 531 19.16 13.09 -1.28
N ALA B 532 18.67 12.62 -2.43
CA ALA B 532 17.26 12.70 -2.79
C ALA B 532 16.49 11.47 -2.34
N GLY B 533 17.08 10.62 -1.51
CA GLY B 533 16.40 9.46 -0.98
C GLY B 533 16.35 9.48 0.53
N LYS B 534 17.25 10.23 1.16
CA LYS B 534 17.18 10.43 2.60
C LYS B 534 16.06 11.37 3.01
N LYS B 535 15.76 12.37 2.19
CA LYS B 535 14.60 13.23 2.43
C LYS B 535 13.30 12.55 2.04
N LEU B 536 13.33 11.65 1.06
CA LEU B 536 12.15 10.85 0.74
C LEU B 536 11.84 9.86 1.85
N HIS B 537 12.87 9.15 2.33
CA HIS B 537 12.68 8.19 3.42
C HIS B 537 12.34 8.87 4.74
N GLN B 538 12.70 10.14 4.92
CA GLN B 538 12.22 10.91 6.05
C GLN B 538 10.71 11.13 5.95
N MET B 539 10.21 11.35 4.73
CA MET B 539 8.77 11.47 4.52
C MET B 539 8.07 10.12 4.70
N LEU B 540 8.72 9.03 4.30
CA LEU B 540 8.06 7.72 4.32
C LEU B 540 8.03 7.10 5.71
N SER B 541 8.99 7.42 6.58
CA SER B 541 9.13 6.72 7.84
C SER B 541 8.16 7.19 8.92
N VAL B 542 7.37 8.24 8.67
CA VAL B 542 6.47 8.73 9.71
C VAL B 542 5.14 7.97 9.63
N GLY B 543 4.77 7.53 8.44
CA GLY B 543 3.50 6.83 8.30
C GLY B 543 2.32 7.76 8.49
N LYS B 544 1.49 7.46 9.48
CA LYS B 544 0.37 8.30 9.87
C LYS B 544 0.57 8.88 11.27
N SER B 545 1.82 8.99 11.71
CA SER B 545 2.10 9.54 13.03
C SER B 545 1.87 11.05 13.06
N GLN B 546 2.25 11.74 12.00
CA GLN B 546 2.06 13.16 11.87
C GLN B 546 0.93 13.46 10.89
N PRO B 547 0.27 14.61 11.04
CA PRO B 547 -0.72 15.02 10.03
C PRO B 547 -0.06 15.28 8.69
N TRP B 548 -0.80 15.00 7.62
CA TRP B 548 -0.23 15.11 6.27
C TRP B 548 0.03 16.54 5.85
N THR B 549 -0.54 17.54 6.52
CA THR B 549 -0.15 18.92 6.29
C THR B 549 1.18 19.27 6.96
N SER B 550 1.65 18.45 7.90
CA SER B 550 2.98 18.61 8.47
C SER B 550 4.03 17.78 7.76
N VAL B 551 3.63 16.60 7.26
CA VAL B 551 4.54 15.77 6.47
C VAL B 551 4.84 16.43 5.13
N LEU B 552 3.85 17.08 4.53
CA LEU B 552 4.06 17.79 3.27
C LEU B 552 4.88 19.06 3.47
N LYS B 553 4.69 19.74 4.60
CA LYS B 553 5.41 20.99 4.86
C LYS B 553 6.89 20.74 5.10
N ASP B 554 7.24 19.63 5.74
CA ASP B 554 8.63 19.30 6.00
C ASP B 554 9.32 18.67 4.79
N PHE B 555 8.60 18.40 3.71
CA PHE B 555 9.15 17.72 2.56
C PHE B 555 9.20 18.58 1.30
N VAL B 556 8.11 19.27 0.96
CA VAL B 556 8.04 20.09 -0.24
C VAL B 556 8.04 21.57 0.07
N ASP B 557 8.11 21.95 1.35
CA ASP B 557 8.07 23.33 1.85
C ASP B 557 6.78 24.05 1.46
N SER B 558 5.67 23.32 1.39
CA SER B 558 4.35 23.91 1.23
C SER B 558 3.36 23.17 2.10
N LYS B 559 2.40 23.89 2.66
CA LYS B 559 1.45 23.30 3.59
C LYS B 559 0.34 22.55 2.87
N ASP B 560 -0.38 23.22 1.98
CA ASP B 560 -1.53 22.65 1.31
C ASP B 560 -1.12 22.02 -0.01
N MET B 561 -2.11 21.49 -0.73
CA MET B 561 -1.86 20.88 -2.03
C MET B 561 -1.59 21.97 -3.06
N ASP B 562 -0.48 21.84 -3.78
CA ASP B 562 -0.15 22.74 -4.87
C ASP B 562 -0.26 22.03 -6.20
N VAL B 563 -0.66 22.79 -7.22
CA VAL B 563 -0.70 22.30 -8.59
C VAL B 563 0.33 22.99 -9.47
N GLY B 564 1.02 24.00 -8.95
CA GLY B 564 2.14 24.64 -9.59
C GLY B 564 3.29 23.72 -10.01
N PRO B 565 3.69 22.78 -9.14
CA PRO B 565 4.61 21.72 -9.61
C PRO B 565 4.09 20.88 -10.78
N LEU B 566 2.77 20.64 -10.86
CA LEU B 566 2.23 19.93 -12.02
C LEU B 566 2.29 20.79 -13.27
N LEU B 567 2.05 22.09 -13.15
CA LEU B 567 2.06 22.96 -14.32
C LEU B 567 3.47 23.24 -14.81
N ARG B 568 4.43 23.35 -13.88
CA ARG B 568 5.82 23.60 -14.27
C ARG B 568 6.45 22.37 -14.91
N TYR B 569 5.93 21.17 -14.61
CA TYR B 569 6.35 19.97 -15.32
C TYR B 569 5.95 20.01 -16.79
N PHE B 570 4.75 20.50 -17.08
CA PHE B 570 4.24 20.55 -18.44
C PHE B 570 4.35 21.94 -19.05
N GLU B 571 5.09 22.86 -18.41
CA GLU B 571 5.36 24.16 -19.01
C GLU B 571 6.10 24.11 -20.36
N PRO B 572 7.08 23.21 -20.61
CA PRO B 572 7.52 23.04 -22.01
C PRO B 572 6.42 22.54 -22.94
N LEU B 573 5.47 21.77 -22.45
CA LEU B 573 4.38 21.30 -23.29
C LEU B 573 3.26 22.32 -23.41
N TYR B 574 2.96 23.05 -22.32
CA TYR B 574 1.88 24.02 -22.32
C TYR B 574 2.16 25.20 -23.24
N THR B 575 3.44 25.56 -23.42
CA THR B 575 3.78 26.54 -24.44
C THR B 575 3.59 25.96 -25.84
N TRP B 576 3.94 24.69 -26.03
CA TRP B 576 3.77 24.05 -27.32
C TRP B 576 2.32 23.72 -27.62
N LEU B 577 1.50 23.55 -26.58
CA LEU B 577 0.08 23.28 -26.80
C LEU B 577 -0.66 24.52 -27.26
N LYS B 578 -0.16 25.70 -26.92
CA LYS B 578 -0.83 26.94 -27.31
C LYS B 578 -0.66 27.21 -28.80
N GLU B 579 0.54 27.00 -29.33
CA GLU B 579 0.82 27.29 -30.74
C GLU B 579 0.21 26.28 -31.69
N GLN B 580 -0.16 25.09 -31.20
CA GLN B 580 -0.86 24.12 -32.04
C GLN B 580 -2.37 24.28 -31.99
N ASN B 581 -2.89 24.90 -30.93
CA ASN B 581 -4.32 25.14 -30.78
C ASN B 581 -4.74 26.53 -31.23
N ARG B 582 -3.86 27.24 -31.93
CA ARG B 582 -4.18 28.57 -32.43
C ARG B 582 -5.26 28.52 -33.51
N ASN B 583 -5.17 27.55 -34.42
CA ASN B 583 -6.18 27.41 -35.46
C ASN B 583 -7.46 26.78 -34.92
N SER B 584 -7.32 25.78 -34.05
CA SER B 584 -8.48 25.08 -33.51
C SER B 584 -9.10 25.87 -32.35
N PHE B 585 -10.17 25.31 -31.80
CA PHE B 585 -10.90 25.94 -30.71
C PHE B 585 -10.58 25.23 -29.40
N VAL B 586 -10.29 26.01 -28.35
CA VAL B 586 -9.98 25.48 -27.03
C VAL B 586 -11.28 25.55 -26.22
N GLY B 587 -11.92 24.42 -26.04
CA GLY B 587 -13.17 24.35 -25.29
C GLY B 587 -14.03 23.22 -25.82
N TRP B 588 -15.23 23.14 -25.26
CA TRP B 588 -16.19 22.13 -25.66
C TRP B 588 -17.60 22.68 -25.51
N ASN B 589 -18.52 22.17 -26.33
CA ASN B 589 -19.93 22.57 -26.26
C ASN B 589 -20.74 21.45 -25.63
N THR B 590 -21.53 21.80 -24.61
CA THR B 590 -22.35 20.82 -23.90
C THR B 590 -23.49 20.29 -24.78
N ASP B 591 -24.09 21.16 -25.60
CA ASP B 591 -25.32 20.84 -26.31
C ASP B 591 -25.15 19.86 -27.47
N TRP B 592 -23.92 19.57 -27.90
CA TRP B 592 -23.72 18.67 -29.03
C TRP B 592 -23.88 17.22 -28.59
N SER B 593 -24.56 16.44 -29.44
CA SER B 593 -24.78 15.02 -29.18
C SER B 593 -24.43 14.23 -30.43
N PRO B 594 -23.71 13.11 -30.31
CA PRO B 594 -23.39 12.30 -31.50
C PRO B 594 -24.60 11.57 -32.07
N HIS B 595 -25.62 11.30 -31.26
CA HIS B 595 -26.80 10.61 -31.74
C HIS B 595 -27.93 11.59 -32.05
ZN ZN C . -1.41 1.68 -5.69
#